data_1FRO
#
_entry.id   1FRO
#
_cell.length_a   68.000
_cell.length_b   68.000
_cell.length_c   169.400
_cell.angle_alpha   90.00
_cell.angle_beta   90.00
_cell.angle_gamma   90.00
#
_symmetry.space_group_name_H-M   'P 43'
#
loop_
_entity.id
_entity.type
_entity.pdbx_description
1 polymer 'LACTOYLGLUTATHIONE LYASE'
2 non-polymer 'ZINC ION'
3 non-polymer S-BENZYL-GLUTATHIONE
4 water water
#
_entity_poly.entity_id   1
_entity_poly.type   'polypeptide(L)'
_entity_poly.pdbx_seq_one_letter_code
;AEPQPPSGGLTDEAALSCCSDADPSTKDFLLQQTMLRVKDPKKSLDFYTRVLGMTLIQKCDFPIMKFSLYFLAYEDKNDI
PKEKDEKIAWALSRKATLELTHNWGTEDDETQSYHNGNSDPRGFGHIGIAVPDVYSACKRFEELGVKFVKKPDDGKMKGL
AFIQDPDGYWIEILNPNKMATLM
;
_entity_poly.pdbx_strand_id   A,B,C,D
#
loop_
_chem_comp.id
_chem_comp.type
_chem_comp.name
_chem_comp.formula
GSB non-polymer S-BENZYL-GLUTATHIONE 'C17 H23 N3 O6 S'
ZN non-polymer 'ZINC ION' 'Zn 2'
#
# COMPACT_ATOMS: atom_id res chain seq x y z
N GLY A 8 -16.73 23.27 -14.24
CA GLY A 8 -15.60 22.98 -13.30
C GLY A 8 -14.28 23.25 -14.02
N GLY A 9 -13.17 22.93 -13.37
CA GLY A 9 -11.88 23.15 -13.98
C GLY A 9 -11.49 24.61 -13.97
N LEU A 10 -10.19 24.86 -13.95
CA LEU A 10 -9.66 26.21 -13.92
C LEU A 10 -9.77 26.89 -15.27
N THR A 11 -9.73 28.22 -15.25
CA THR A 11 -9.74 29.01 -16.47
C THR A 11 -8.25 29.18 -16.75
N ASP A 12 -7.91 29.65 -17.94
CA ASP A 12 -6.51 29.84 -18.28
C ASP A 12 -5.85 30.84 -17.34
N GLU A 13 -6.60 31.88 -16.98
CA GLU A 13 -6.10 32.92 -16.10
C GLU A 13 -5.92 32.37 -14.70
N ALA A 14 -6.86 31.55 -14.26
CA ALA A 14 -6.79 30.96 -12.93
C ALA A 14 -5.57 30.02 -12.85
N ALA A 15 -5.33 29.29 -13.93
CA ALA A 15 -4.21 28.36 -14.00
C ALA A 15 -2.90 29.13 -13.96
N LEU A 16 -2.81 30.18 -14.77
CA LEU A 16 -1.59 30.98 -14.81
C LEU A 16 -1.28 31.67 -13.50
N SER A 17 -2.31 32.09 -12.76
CA SER A 17 -2.08 32.76 -11.49
C SER A 17 -1.46 31.83 -10.45
N CYS A 18 -1.56 30.52 -10.71
CA CYS A 18 -0.99 29.53 -9.81
C CYS A 18 0.43 29.19 -10.22
N CYS A 19 0.87 29.66 -11.39
CA CYS A 19 2.22 29.39 -11.85
C CYS A 19 3.20 30.46 -11.44
N SER A 20 4.42 30.05 -11.11
CA SER A 20 5.46 30.99 -10.74
C SER A 20 6.62 30.83 -11.70
N ASP A 21 7.40 31.89 -11.87
CA ASP A 21 8.56 31.84 -12.74
C ASP A 21 9.56 30.92 -12.07
N ALA A 22 10.37 30.29 -12.90
CA ALA A 22 11.38 29.36 -12.42
C ALA A 22 12.45 30.10 -11.63
N ASP A 23 12.69 29.63 -10.40
CA ASP A 23 13.72 30.19 -9.55
C ASP A 23 15.05 29.89 -10.24
N PRO A 24 16.00 30.83 -10.20
CA PRO A 24 17.29 30.57 -10.85
C PRO A 24 18.02 29.32 -10.38
N SER A 25 17.74 28.88 -9.15
CA SER A 25 18.39 27.71 -8.60
C SER A 25 17.92 26.42 -9.28
N THR A 26 16.84 26.49 -10.05
CA THR A 26 16.33 25.32 -10.72
C THR A 26 16.70 25.34 -12.20
N LYS A 27 17.56 26.28 -12.57
CA LYS A 27 17.98 26.47 -13.97
C LYS A 27 18.39 25.24 -14.79
N ASP A 28 19.18 24.35 -14.21
CA ASP A 28 19.62 23.18 -14.96
C ASP A 28 18.96 21.86 -14.62
N PHE A 29 17.81 21.92 -13.98
CA PHE A 29 17.09 20.70 -13.63
C PHE A 29 16.58 20.12 -14.93
N LEU A 30 16.41 18.81 -14.99
CA LEU A 30 15.84 18.18 -16.18
C LEU A 30 15.07 16.94 -15.76
N LEU A 31 13.98 16.66 -16.46
CA LEU A 31 13.14 15.52 -16.14
C LEU A 31 13.86 14.33 -16.76
N GLN A 32 14.53 13.59 -15.90
CA GLN A 32 15.38 12.49 -16.32
C GLN A 32 14.75 11.11 -16.53
N GLN A 33 13.75 10.73 -15.75
CA GLN A 33 13.22 9.40 -15.87
C GLN A 33 11.83 9.26 -15.35
N THR A 34 11.23 8.13 -15.69
CA THR A 34 9.92 7.69 -15.22
C THR A 34 10.25 6.25 -14.87
N MET A 35 9.99 5.86 -13.63
CA MET A 35 10.28 4.52 -13.16
C MET A 35 9.01 3.67 -13.16
N LEU A 36 9.12 2.48 -13.74
CA LEU A 36 8.01 1.54 -13.82
C LEU A 36 8.56 0.19 -13.38
N ARG A 37 7.80 -0.54 -12.57
CA ARG A 37 8.23 -1.87 -12.12
C ARG A 37 7.79 -2.90 -13.17
N VAL A 38 8.70 -3.79 -13.57
CA VAL A 38 8.39 -4.82 -14.57
C VAL A 38 8.57 -6.22 -14.01
N LYS A 39 7.58 -7.07 -14.28
CA LYS A 39 7.56 -8.44 -13.81
C LYS A 39 8.67 -9.28 -14.42
N ASP A 40 8.80 -9.17 -15.73
CA ASP A 40 9.80 -9.94 -16.46
C ASP A 40 10.62 -9.01 -17.36
N PRO A 41 11.89 -8.76 -17.00
CA PRO A 41 12.75 -7.88 -17.79
C PRO A 41 13.03 -8.40 -19.20
N LYS A 42 12.92 -9.71 -19.43
CA LYS A 42 13.16 -10.30 -20.75
C LYS A 42 12.08 -9.87 -21.71
N LYS A 43 10.83 -9.97 -21.26
CA LYS A 43 9.70 -9.54 -22.06
C LYS A 43 9.72 -8.02 -22.26
N SER A 44 10.04 -7.28 -21.20
CA SER A 44 10.10 -5.81 -21.27
C SER A 44 11.20 -5.30 -22.18
N LEU A 45 12.40 -5.87 -22.07
CA LEU A 45 13.52 -5.44 -22.90
C LEU A 45 13.22 -5.70 -24.38
N ASP A 46 12.59 -6.83 -24.69
CA ASP A 46 12.23 -7.16 -26.07
C ASP A 46 11.20 -6.17 -26.60
N PHE A 47 10.19 -5.87 -25.78
CA PHE A 47 9.15 -4.96 -26.20
C PHE A 47 9.68 -3.55 -26.45
N TYR A 48 10.39 -3.00 -25.46
CA TYR A 48 10.90 -1.65 -25.61
C TYR A 48 11.96 -1.44 -26.68
N THR A 49 12.77 -2.46 -26.97
CA THR A 49 13.81 -2.31 -28.00
C THR A 49 13.30 -2.72 -29.37
N ARG A 50 12.77 -3.94 -29.46
CA ARG A 50 12.29 -4.43 -30.74
C ARG A 50 11.03 -3.73 -31.23
N VAL A 51 10.02 -3.64 -30.37
CA VAL A 51 8.79 -3.01 -30.80
C VAL A 51 8.84 -1.48 -30.84
N LEU A 52 9.29 -0.85 -29.75
CA LEU A 52 9.30 0.61 -29.71
C LEU A 52 10.57 1.31 -30.19
N GLY A 53 11.65 0.56 -30.37
CA GLY A 53 12.88 1.15 -30.87
C GLY A 53 13.76 1.87 -29.88
N MET A 54 13.59 1.60 -28.59
CA MET A 54 14.42 2.24 -27.58
C MET A 54 15.74 1.48 -27.46
N THR A 55 16.70 2.11 -26.79
CA THR A 55 18.01 1.55 -26.58
C THR A 55 18.29 1.36 -25.09
N LEU A 56 18.79 0.19 -24.71
CA LEU A 56 19.15 -0.07 -23.33
C LEU A 56 20.48 0.66 -23.14
N ILE A 57 20.47 1.75 -22.39
CA ILE A 57 21.68 2.53 -22.20
C ILE A 57 22.44 2.27 -20.90
N GLN A 58 21.85 1.51 -19.99
CA GLN A 58 22.50 1.25 -18.71
C GLN A 58 21.73 0.18 -17.94
N LYS A 59 22.45 -0.69 -17.25
CA LYS A 59 21.86 -1.75 -16.45
C LYS A 59 22.59 -1.73 -15.13
N CYS A 60 21.87 -1.81 -14.03
CA CYS A 60 22.46 -1.78 -12.71
C CYS A 60 21.83 -2.89 -11.89
N ASP A 61 22.63 -3.57 -11.09
CA ASP A 61 22.11 -4.65 -10.26
C ASP A 61 22.46 -4.36 -8.81
N PHE A 62 21.55 -4.66 -7.90
CA PHE A 62 21.77 -4.43 -6.48
C PHE A 62 21.39 -5.73 -5.80
N PRO A 63 22.33 -6.69 -5.80
CA PRO A 63 22.20 -8.04 -5.23
C PRO A 63 21.78 -8.08 -3.78
N ILE A 64 22.27 -7.16 -2.96
CA ILE A 64 21.89 -7.14 -1.56
C ILE A 64 20.40 -6.86 -1.47
N MET A 65 19.93 -5.92 -2.28
CA MET A 65 18.52 -5.54 -2.29
C MET A 65 17.66 -6.36 -3.24
N LYS A 66 18.31 -7.20 -4.04
CA LYS A 66 17.63 -8.07 -4.99
C LYS A 66 16.79 -7.37 -6.06
N PHE A 67 17.40 -6.40 -6.73
CA PHE A 67 16.71 -5.72 -7.81
C PHE A 67 17.69 -5.18 -8.84
N SER A 68 17.22 -5.05 -10.07
CA SER A 68 18.01 -4.51 -11.17
C SER A 68 17.24 -3.32 -11.76
N LEU A 69 17.98 -2.39 -12.35
CA LEU A 69 17.42 -1.22 -12.99
C LEU A 69 17.89 -1.26 -14.42
N TYR A 70 16.96 -1.06 -15.36
CA TYR A 70 17.25 -1.05 -16.79
C TYR A 70 16.86 0.32 -17.30
N PHE A 71 17.80 1.06 -17.88
CA PHE A 71 17.49 2.38 -18.40
C PHE A 71 17.35 2.32 -19.89
N LEU A 72 16.19 2.72 -20.39
CA LEU A 72 15.93 2.73 -21.83
C LEU A 72 15.67 4.17 -22.24
N ALA A 73 16.12 4.54 -23.44
CA ALA A 73 15.94 5.88 -23.93
C ALA A 73 16.09 5.87 -25.43
N TYR A 74 15.57 6.89 -26.07
CA TYR A 74 15.73 7.00 -27.50
C TYR A 74 17.07 7.69 -27.72
N GLU A 75 18.14 6.92 -27.61
CA GLU A 75 19.52 7.41 -27.79
C GLU A 75 20.23 6.53 -28.81
N ASP A 76 21.25 7.09 -29.45
CA ASP A 76 22.02 6.33 -30.43
C ASP A 76 23.01 5.45 -29.64
N LYS A 77 22.99 4.15 -29.92
CA LYS A 77 23.87 3.19 -29.26
C LYS A 77 25.32 3.62 -29.34
N ASN A 78 25.67 4.34 -30.40
CA ASN A 78 27.04 4.80 -30.60
C ASN A 78 27.47 5.95 -29.69
N ASP A 79 26.51 6.57 -29.00
CA ASP A 79 26.83 7.67 -28.10
C ASP A 79 27.12 7.20 -26.70
N ILE A 80 26.84 5.92 -26.45
CA ILE A 80 27.05 5.36 -25.14
C ILE A 80 28.55 5.27 -24.83
N PRO A 81 29.01 5.97 -23.76
CA PRO A 81 30.41 5.96 -23.36
C PRO A 81 30.86 4.54 -23.11
N LYS A 82 32.15 4.29 -23.37
CA LYS A 82 32.70 2.96 -23.16
C LYS A 82 33.10 2.74 -21.71
N GLU A 83 33.58 3.80 -21.07
CA GLU A 83 34.01 3.73 -19.66
C GLU A 83 32.85 3.68 -18.67
N LYS A 84 32.90 2.70 -17.78
CA LYS A 84 31.86 2.48 -16.75
C LYS A 84 31.33 3.76 -16.10
N ASP A 85 32.17 4.41 -15.30
CA ASP A 85 31.78 5.62 -14.59
C ASP A 85 31.33 6.75 -15.49
N GLU A 86 31.85 6.76 -16.71
CA GLU A 86 31.50 7.79 -17.67
C GLU A 86 30.14 7.49 -18.31
N LYS A 87 29.84 6.19 -18.42
CA LYS A 87 28.58 5.76 -19.00
C LYS A 87 27.45 6.02 -18.02
N ILE A 88 27.71 5.85 -16.72
CA ILE A 88 26.72 6.09 -15.69
C ILE A 88 26.28 7.55 -15.68
N ALA A 89 27.24 8.46 -15.71
CA ALA A 89 26.93 9.88 -15.68
C ALA A 89 26.23 10.36 -16.96
N TRP A 90 26.52 9.70 -18.08
CA TRP A 90 25.91 10.05 -19.35
C TRP A 90 24.47 9.54 -19.38
N ALA A 91 24.29 8.28 -18.98
CA ALA A 91 22.98 7.65 -18.95
C ALA A 91 22.04 8.39 -18.01
N LEU A 92 22.55 8.78 -16.84
CA LEU A 92 21.74 9.47 -15.87
C LEU A 92 21.58 10.96 -16.12
N SER A 93 22.12 11.45 -17.23
CA SER A 93 21.97 12.87 -17.56
C SER A 93 21.18 13.01 -18.85
N ARG A 94 20.71 11.89 -19.39
CA ARG A 94 19.90 11.91 -20.60
C ARG A 94 18.50 12.26 -20.13
N LYS A 95 17.74 12.99 -20.92
CA LYS A 95 16.40 13.25 -20.45
C LYS A 95 15.44 12.29 -21.15
N ALA A 96 14.26 12.13 -20.57
CA ALA A 96 13.25 11.26 -21.14
C ALA A 96 13.64 9.79 -21.17
N THR A 97 14.13 9.26 -20.05
CA THR A 97 14.47 7.85 -20.02
C THR A 97 13.42 7.10 -19.22
N LEU A 98 13.42 5.79 -19.39
CA LEU A 98 12.51 4.91 -18.72
C LEU A 98 13.41 4.09 -17.80
N GLU A 99 13.09 4.05 -16.52
CA GLU A 99 13.86 3.28 -15.57
C GLU A 99 12.99 2.09 -15.17
N LEU A 100 13.27 0.93 -15.75
CA LEU A 100 12.52 -0.29 -15.46
C LEU A 100 13.13 -0.98 -14.23
N THR A 101 12.31 -1.18 -13.23
CA THR A 101 12.79 -1.79 -12.01
C THR A 101 12.38 -3.25 -11.95
N HIS A 102 13.36 -4.13 -11.91
CA HIS A 102 13.06 -5.55 -11.82
C HIS A 102 13.37 -6.09 -10.42
N ASN A 103 12.32 -6.48 -9.70
CA ASN A 103 12.50 -7.04 -8.37
C ASN A 103 12.69 -8.55 -8.64
N TRP A 104 13.88 -9.05 -8.31
CA TRP A 104 14.20 -10.45 -8.56
C TRP A 104 13.16 -11.44 -8.07
N GLY A 105 12.75 -12.35 -8.96
CA GLY A 105 11.79 -13.38 -8.61
C GLY A 105 10.35 -13.22 -9.06
N THR A 106 9.97 -12.01 -9.45
CA THR A 106 8.61 -11.75 -9.90
C THR A 106 8.24 -12.58 -11.13
N GLU A 107 9.21 -12.83 -12.01
CA GLU A 107 8.97 -13.61 -13.23
C GLU A 107 8.47 -15.01 -12.92
N ASP A 108 8.88 -15.52 -11.77
CA ASP A 108 8.49 -16.86 -11.39
C ASP A 108 7.14 -16.88 -10.71
N ASP A 109 6.82 -15.84 -9.95
CA ASP A 109 5.56 -15.83 -9.25
C ASP A 109 4.37 -15.64 -10.18
N GLU A 110 3.64 -16.74 -10.42
CA GLU A 110 2.49 -16.74 -11.32
C GLU A 110 1.36 -15.84 -10.88
N THR A 111 1.25 -15.61 -9.57
CA THR A 111 0.17 -14.78 -9.05
C THR A 111 0.51 -13.29 -9.05
N GLN A 112 1.79 -12.98 -9.17
CA GLN A 112 2.26 -11.60 -9.14
C GLN A 112 2.05 -10.87 -10.45
N SER A 113 1.77 -9.57 -10.33
CA SER A 113 1.60 -8.68 -11.48
C SER A 113 1.56 -7.28 -10.92
N TYR A 114 1.95 -6.29 -11.71
CA TYR A 114 1.92 -4.92 -11.26
C TYR A 114 0.63 -4.25 -11.71
N HIS A 115 0.28 -3.15 -11.05
CA HIS A 115 -0.95 -2.40 -11.35
C HIS A 115 -0.61 -1.27 -12.33
N ASN A 116 -1.36 -1.15 -13.43
CA ASN A 116 -1.07 -0.11 -14.40
C ASN A 116 -1.63 1.28 -14.08
N GLY A 117 -2.31 1.39 -12.94
CA GLY A 117 -2.86 2.66 -12.51
C GLY A 117 -4.13 3.13 -13.18
N ASN A 118 -4.66 2.33 -14.10
CA ASN A 118 -5.87 2.73 -14.81
C ASN A 118 -7.16 2.07 -14.36
N SER A 119 -7.11 1.42 -13.21
CA SER A 119 -8.27 0.80 -12.62
C SER A 119 -8.08 1.15 -11.15
N ASP A 120 -9.14 1.09 -10.37
CA ASP A 120 -9.08 1.42 -8.96
C ASP A 120 -8.02 0.58 -8.26
N PRO A 121 -7.09 1.21 -7.53
CA PRO A 121 -6.91 2.65 -7.27
C PRO A 121 -6.09 3.28 -8.38
N ARG A 122 -6.60 4.35 -8.96
CA ARG A 122 -5.92 5.05 -10.05
C ARG A 122 -4.87 6.06 -9.58
N GLY A 123 -3.95 6.38 -10.47
CA GLY A 123 -2.90 7.33 -10.19
C GLY A 123 -2.21 7.62 -11.51
N PHE A 124 -1.09 6.92 -11.71
CA PHE A 124 -0.31 7.04 -12.93
C PHE A 124 -1.21 6.62 -14.08
N GLY A 125 -1.05 7.25 -15.24
CA GLY A 125 -1.88 6.88 -16.37
C GLY A 125 -1.17 6.17 -17.50
N HIS A 126 -0.13 6.81 -18.02
CA HIS A 126 0.60 6.25 -19.15
C HIS A 126 1.82 7.10 -19.47
N ILE A 127 2.66 6.58 -20.35
CA ILE A 127 3.79 7.31 -20.87
C ILE A 127 3.29 7.49 -22.30
N GLY A 128 3.87 8.41 -23.05
CA GLY A 128 3.39 8.63 -24.40
C GLY A 128 4.55 8.83 -25.33
N ILE A 129 4.43 8.28 -26.53
CA ILE A 129 5.48 8.39 -27.54
C ILE A 129 4.96 9.21 -28.71
N ALA A 130 5.72 10.21 -29.13
CA ALA A 130 5.33 11.01 -30.27
C ALA A 130 5.94 10.30 -31.48
N VAL A 131 5.13 10.03 -32.49
CA VAL A 131 5.57 9.35 -33.70
C VAL A 131 5.18 10.20 -34.91
N PRO A 132 5.88 10.01 -36.05
CA PRO A 132 5.61 10.75 -37.29
C PRO A 132 4.26 10.39 -37.91
N ASP A 133 3.84 9.15 -37.73
CA ASP A 133 2.60 8.68 -38.31
C ASP A 133 1.96 7.62 -37.43
N VAL A 134 0.86 7.97 -36.79
CA VAL A 134 0.15 7.05 -35.89
C VAL A 134 -0.37 5.83 -36.62
N TYR A 135 -0.89 6.02 -37.81
CA TYR A 135 -1.45 4.92 -38.58
C TYR A 135 -0.42 3.87 -39.01
N SER A 136 0.70 4.32 -39.56
CA SER A 136 1.72 3.38 -39.98
C SER A 136 2.38 2.76 -38.77
N ALA A 137 2.57 3.55 -37.71
CA ALA A 137 3.17 3.03 -36.50
C ALA A 137 2.29 1.91 -35.95
N CYS A 138 0.98 2.13 -35.93
CA CYS A 138 0.04 1.13 -35.41
C CYS A 138 -0.14 -0.10 -36.29
N LYS A 139 0.05 0.07 -37.60
CA LYS A 139 -0.05 -1.03 -38.55
C LYS A 139 1.06 -2.04 -38.24
N ARG A 140 2.25 -1.52 -37.98
CA ARG A 140 3.40 -2.33 -37.63
C ARG A 140 3.18 -2.99 -36.26
N PHE A 141 2.67 -2.22 -35.28
CA PHE A 141 2.41 -2.76 -33.94
C PHE A 141 1.46 -3.96 -34.05
N GLU A 142 0.45 -3.86 -34.91
CA GLU A 142 -0.50 -4.95 -35.11
C GLU A 142 0.19 -6.19 -35.66
N GLU A 143 1.04 -5.97 -36.66
CA GLU A 143 1.80 -7.06 -37.26
C GLU A 143 2.62 -7.77 -36.18
N LEU A 144 3.20 -7.00 -35.27
CA LEU A 144 4.01 -7.55 -34.21
C LEU A 144 3.20 -8.14 -33.07
N GLY A 145 1.88 -8.13 -33.19
CA GLY A 145 1.03 -8.69 -32.16
C GLY A 145 0.93 -7.91 -30.85
N VAL A 146 1.08 -6.59 -30.93
CA VAL A 146 0.99 -5.73 -29.74
C VAL A 146 -0.47 -5.60 -29.32
N LYS A 147 -0.74 -5.58 -28.01
CA LYS A 147 -2.12 -5.44 -27.54
C LYS A 147 -2.53 -3.98 -27.55
N PHE A 148 -3.71 -3.70 -28.07
CA PHE A 148 -4.21 -2.33 -28.15
C PHE A 148 -5.29 -2.08 -27.13
N VAL A 149 -5.27 -0.89 -26.54
CA VAL A 149 -6.32 -0.47 -25.62
C VAL A 149 -7.26 0.34 -26.52
N LYS A 150 -6.69 1.07 -27.48
CA LYS A 150 -7.48 1.88 -28.39
C LYS A 150 -6.76 1.97 -29.73
N LYS A 151 -7.39 1.48 -30.79
CA LYS A 151 -6.79 1.58 -32.11
C LYS A 151 -7.01 3.02 -32.54
N PRO A 152 -6.19 3.55 -33.46
CA PRO A 152 -6.28 4.93 -33.95
C PRO A 152 -7.67 5.50 -34.25
N ASP A 153 -8.50 4.71 -34.92
CA ASP A 153 -9.82 5.18 -35.26
C ASP A 153 -10.95 4.68 -34.37
N ASP A 154 -10.62 4.18 -33.20
CA ASP A 154 -11.66 3.72 -32.30
C ASP A 154 -12.03 4.88 -31.41
N GLY A 155 -13.31 5.02 -31.11
CA GLY A 155 -13.73 6.10 -30.24
C GLY A 155 -13.85 7.46 -30.89
N LYS A 156 -14.05 8.47 -30.05
CA LYS A 156 -14.23 9.83 -30.52
C LYS A 156 -12.95 10.42 -31.10
N MET A 157 -11.83 10.19 -30.41
CA MET A 157 -10.57 10.75 -30.85
C MET A 157 -9.87 9.87 -31.88
N LYS A 158 -9.99 10.23 -33.14
CA LYS A 158 -9.35 9.45 -34.21
C LYS A 158 -7.89 9.89 -34.40
N GLY A 159 -7.02 8.96 -34.75
CA GLY A 159 -5.62 9.30 -34.95
C GLY A 159 -4.77 9.32 -33.70
N LEU A 160 -5.28 8.74 -32.62
CA LEU A 160 -4.57 8.67 -31.35
C LEU A 160 -4.74 7.24 -30.91
N ALA A 161 -3.67 6.58 -30.47
CA ALA A 161 -3.78 5.18 -30.06
C ALA A 161 -3.21 4.96 -28.68
N PHE A 162 -3.56 3.81 -28.10
CA PHE A 162 -3.05 3.42 -26.79
C PHE A 162 -2.74 1.94 -26.91
N ILE A 163 -1.48 1.57 -26.64
CA ILE A 163 -1.07 0.16 -26.67
C ILE A 163 -0.65 -0.20 -25.25
N GLN A 164 -0.45 -1.48 -24.98
CA GLN A 164 -0.01 -1.93 -23.66
C GLN A 164 1.32 -2.63 -23.77
N ASP A 165 2.15 -2.48 -22.75
CA ASP A 165 3.45 -3.11 -22.73
C ASP A 165 3.22 -4.49 -22.08
N PRO A 166 4.27 -5.33 -21.95
CA PRO A 166 4.10 -6.65 -21.34
C PRO A 166 3.49 -6.66 -19.95
N ASP A 167 3.68 -5.59 -19.18
CA ASP A 167 3.11 -5.52 -17.84
C ASP A 167 1.70 -4.95 -17.82
N GLY A 168 1.24 -4.46 -18.96
CA GLY A 168 -0.09 -3.87 -19.00
C GLY A 168 -0.11 -2.35 -18.88
N TYR A 169 1.07 -1.72 -18.83
CA TYR A 169 1.14 -0.26 -18.75
C TYR A 169 0.68 0.31 -20.08
N TRP A 170 -0.10 1.39 -20.03
CA TRP A 170 -0.59 2.01 -21.25
C TRP A 170 0.46 2.93 -21.83
N ILE A 171 0.50 2.98 -23.16
CA ILE A 171 1.44 3.84 -23.86
C ILE A 171 0.60 4.54 -24.91
N GLU A 172 0.59 5.87 -24.85
CA GLU A 172 -0.16 6.68 -25.79
C GLU A 172 0.69 6.90 -27.02
N ILE A 173 0.09 6.74 -28.19
CA ILE A 173 0.80 6.93 -29.46
C ILE A 173 0.13 8.13 -30.10
N LEU A 174 0.91 9.18 -30.33
CA LEU A 174 0.35 10.41 -30.87
C LEU A 174 1.25 11.08 -31.91
N ASN A 175 0.64 11.87 -32.79
CA ASN A 175 1.39 12.62 -33.80
C ASN A 175 1.15 14.07 -33.42
N PRO A 176 2.20 14.76 -32.93
CA PRO A 176 2.14 16.16 -32.52
C PRO A 176 1.58 17.06 -33.60
N ASN A 177 1.87 16.73 -34.84
CA ASN A 177 1.44 17.51 -35.99
C ASN A 177 0.01 17.31 -36.43
N LYS A 178 -0.74 16.47 -35.73
CA LYS A 178 -2.13 16.25 -36.09
C LYS A 178 -3.03 16.29 -34.87
N MET A 179 -2.48 16.73 -33.75
CA MET A 179 -3.25 16.80 -32.52
C MET A 179 -4.26 17.93 -32.54
N ALA A 180 -3.84 19.10 -33.02
CA ALA A 180 -4.69 20.27 -33.11
C ALA A 180 -5.93 20.02 -33.98
N THR A 181 -5.77 19.11 -34.94
CA THR A 181 -6.84 18.72 -35.88
C THR A 181 -8.02 18.01 -35.19
N LEU A 182 -7.73 17.31 -34.10
CA LEU A 182 -8.74 16.56 -33.34
C LEU A 182 -9.28 17.44 -32.22
N MET A 183 -8.39 18.25 -31.64
CA MET A 183 -8.70 19.14 -30.53
C MET A 183 -9.26 20.49 -31.00
N GLY B 8 19.54 -14.27 -8.67
CA GLY B 8 18.42 -13.98 -9.62
C GLY B 8 18.82 -12.82 -10.52
N GLY B 9 17.90 -12.35 -11.34
CA GLY B 9 18.20 -11.25 -12.23
C GLY B 9 19.05 -11.69 -13.41
N LEU B 10 18.90 -10.98 -14.53
CA LEU B 10 19.63 -11.29 -15.73
C LEU B 10 21.08 -10.87 -15.65
N THR B 11 21.91 -11.48 -16.50
CA THR B 11 23.31 -11.12 -16.59
C THR B 11 23.30 -10.08 -17.69
N ASP B 12 24.40 -9.36 -17.85
CA ASP B 12 24.46 -8.35 -18.90
C ASP B 12 24.27 -8.95 -20.28
N GLU B 13 24.83 -10.13 -20.47
CA GLU B 13 24.75 -10.84 -21.74
C GLU B 13 23.32 -11.31 -21.97
N ALA B 14 22.69 -11.80 -20.91
CA ALA B 14 21.31 -12.28 -21.02
C ALA B 14 20.37 -11.10 -21.37
N ALA B 15 20.65 -9.95 -20.77
CA ALA B 15 19.85 -8.75 -21.01
C ALA B 15 20.03 -8.30 -22.45
N LEU B 16 21.27 -8.24 -22.89
CA LEU B 16 21.55 -7.81 -24.26
C LEU B 16 20.96 -8.72 -25.31
N SER B 17 20.92 -10.02 -25.04
CA SER B 17 20.37 -10.96 -26.02
C SER B 17 18.87 -10.75 -26.22
N CYS B 18 18.24 -10.05 -25.27
CA CYS B 18 16.81 -9.76 -25.37
C CYS B 18 16.58 -8.44 -26.09
N CYS B 19 17.65 -7.67 -26.32
CA CYS B 19 17.50 -6.40 -27.00
C CYS B 19 17.68 -6.52 -28.50
N SER B 20 16.90 -5.74 -29.25
CA SER B 20 17.01 -5.74 -30.70
C SER B 20 17.35 -4.34 -31.16
N ASP B 21 17.99 -4.23 -32.31
CA ASP B 21 18.33 -2.94 -32.86
C ASP B 21 17.03 -2.27 -33.25
N ALA B 22 17.05 -0.94 -33.20
CA ALA B 22 15.89 -0.15 -33.53
C ALA B 22 15.54 -0.29 -35.00
N ASP B 23 14.28 -0.65 -35.27
CA ASP B 23 13.79 -0.77 -36.63
C ASP B 23 13.80 0.64 -37.21
N PRO B 24 14.17 0.79 -38.49
CA PRO B 24 14.19 2.14 -39.08
C PRO B 24 12.87 2.89 -38.98
N SER B 25 11.76 2.18 -38.91
CA SER B 25 10.46 2.82 -38.83
C SER B 25 10.23 3.53 -37.50
N THR B 26 11.09 3.27 -36.52
CA THR B 26 10.93 3.91 -35.22
C THR B 26 11.95 5.02 -35.05
N LYS B 27 12.64 5.37 -36.14
CA LYS B 27 13.69 6.38 -36.13
C LYS B 27 13.42 7.72 -35.44
N ASP B 28 12.24 8.30 -35.65
CA ASP B 28 11.95 9.58 -35.04
C ASP B 28 10.99 9.58 -33.85
N PHE B 29 10.82 8.42 -33.24
CA PHE B 29 9.93 8.32 -32.08
C PHE B 29 10.64 9.05 -30.96
N LEU B 30 9.87 9.59 -30.02
CA LEU B 30 10.46 10.25 -28.86
C LEU B 30 9.54 10.07 -27.68
N LEU B 31 10.12 9.92 -26.49
CA LEU B 31 9.34 9.73 -25.27
C LEU B 31 8.87 11.12 -24.89
N GLN B 32 7.62 11.39 -25.20
CA GLN B 32 7.02 12.69 -25.02
C GLN B 32 6.42 13.08 -23.66
N GLN B 33 5.84 12.13 -22.94
CA GLN B 33 5.19 12.49 -21.71
C GLN B 33 5.02 11.34 -20.76
N THR B 34 4.68 11.70 -19.53
CA THR B 34 4.35 10.78 -18.46
C THR B 34 3.09 11.45 -17.93
N MET B 35 1.98 10.71 -17.89
CA MET B 35 0.72 11.25 -17.42
C MET B 35 0.46 10.84 -15.99
N LEU B 36 0.09 11.81 -15.16
CA LEU B 36 -0.21 11.59 -13.75
C LEU B 36 -1.53 12.31 -13.48
N ARG B 37 -2.42 11.67 -12.73
CA ARG B 37 -3.68 12.30 -12.37
C ARG B 37 -3.48 13.13 -11.10
N VAL B 38 -3.96 14.37 -11.11
CA VAL B 38 -3.82 15.26 -9.95
C VAL B 38 -5.18 15.69 -9.40
N LYS B 39 -5.30 15.62 -8.08
CA LYS B 39 -6.53 15.97 -7.38
C LYS B 39 -6.86 17.45 -7.49
N ASP B 40 -5.86 18.29 -7.25
CA ASP B 40 -6.04 19.72 -7.30
C ASP B 40 -4.97 20.35 -8.18
N PRO B 41 -5.35 20.83 -9.37
CA PRO B 41 -4.40 21.46 -10.29
C PRO B 41 -3.75 22.74 -9.75
N LYS B 42 -4.41 23.42 -8.81
CA LYS B 42 -3.87 24.64 -8.22
C LYS B 42 -2.65 24.33 -7.39
N LYS B 43 -2.76 23.29 -6.55
CA LYS B 43 -1.65 22.85 -5.73
C LYS B 43 -0.53 22.27 -6.61
N SER B 44 -0.91 21.50 -7.62
CA SER B 44 0.08 20.89 -8.53
C SER B 44 0.83 21.91 -9.37
N LEU B 45 0.12 22.88 -9.94
CA LEU B 45 0.76 23.90 -10.76
C LEU B 45 1.74 24.73 -9.92
N ASP B 46 1.37 25.04 -8.68
CA ASP B 46 2.26 25.78 -7.80
C ASP B 46 3.51 24.99 -7.48
N PHE B 47 3.33 23.70 -7.17
CA PHE B 47 4.45 22.86 -6.82
C PHE B 47 5.42 22.69 -7.99
N TYR B 48 4.89 22.29 -9.15
CA TYR B 48 5.76 22.08 -10.30
C TYR B 48 6.43 23.30 -10.87
N THR B 49 5.82 24.48 -10.76
CA THR B 49 6.45 25.69 -11.30
C THR B 49 7.29 26.40 -10.25
N ARG B 50 6.71 26.68 -9.09
CA ARG B 50 7.42 27.38 -8.04
C ARG B 50 8.51 26.54 -7.39
N VAL B 51 8.17 25.32 -6.98
CA VAL B 51 9.16 24.49 -6.33
C VAL B 51 10.16 23.83 -7.28
N LEU B 52 9.67 23.17 -8.32
CA LEU B 52 10.57 22.46 -9.23
C LEU B 52 11.09 23.24 -10.44
N GLY B 53 10.50 24.40 -10.72
CA GLY B 53 10.97 25.21 -11.82
C GLY B 53 10.52 24.85 -13.21
N MET B 54 9.43 24.09 -13.32
CA MET B 54 8.92 23.71 -14.63
C MET B 54 8.06 24.84 -15.17
N THR B 55 7.75 24.75 -16.46
CA THR B 55 6.94 25.73 -17.15
C THR B 55 5.66 25.10 -17.70
N LEU B 56 4.52 25.74 -17.48
CA LEU B 56 3.27 25.25 -18.01
C LEU B 56 3.30 25.66 -19.48
N ILE B 57 3.45 24.68 -20.37
CA ILE B 57 3.55 24.97 -21.79
C ILE B 57 2.26 24.81 -22.58
N GLN B 58 1.23 24.23 -21.98
CA GLN B 58 -0.02 24.00 -22.69
C GLN B 58 -1.10 23.53 -21.71
N LYS B 59 -2.33 23.99 -21.93
CA LYS B 59 -3.46 23.63 -21.10
C LYS B 59 -4.58 23.29 -22.06
N CYS B 60 -5.28 22.19 -21.82
CA CYS B 60 -6.37 21.77 -22.67
C CYS B 60 -7.54 21.39 -21.79
N ASP B 61 -8.75 21.73 -22.21
CA ASP B 61 -9.93 21.40 -21.43
C ASP B 61 -10.88 20.62 -22.31
N PHE B 62 -11.54 19.62 -21.74
CA PHE B 62 -12.48 18.79 -22.50
C PHE B 62 -13.73 18.75 -21.63
N PRO B 63 -14.56 19.81 -21.74
CA PRO B 63 -15.81 20.00 -21.00
C PRO B 63 -16.81 18.87 -21.11
N ILE B 64 -16.92 18.27 -22.29
CA ILE B 64 -17.86 17.17 -22.44
C ILE B 64 -17.41 16.02 -21.55
N MET B 65 -16.10 15.77 -21.53
CA MET B 65 -15.55 14.69 -20.72
C MET B 65 -15.19 15.11 -19.31
N LYS B 66 -15.29 16.39 -19.02
CA LYS B 66 -15.00 16.94 -17.69
C LYS B 66 -13.57 16.72 -17.18
N PHE B 67 -12.58 17.06 -18.01
CA PHE B 67 -11.20 16.95 -17.58
C PHE B 67 -10.33 17.95 -18.32
N SER B 68 -9.23 18.32 -17.67
CA SER B 68 -8.25 19.25 -18.24
C SER B 68 -6.89 18.55 -18.21
N LEU B 69 -6.02 18.95 -19.13
CA LEU B 69 -4.68 18.43 -19.24
C LEU B 69 -3.76 19.63 -19.11
N TYR B 70 -2.74 19.49 -18.27
CA TYR B 70 -1.75 20.54 -18.04
C TYR B 70 -0.40 19.96 -18.42
N PHE B 71 0.29 20.57 -19.38
CA PHE B 71 1.59 20.05 -19.79
C PHE B 71 2.68 20.90 -19.20
N LEU B 72 3.56 20.27 -18.44
CA LEU B 72 4.67 20.96 -17.81
C LEU B 72 5.96 20.38 -18.36
N ALA B 73 6.97 21.22 -18.54
CA ALA B 73 8.24 20.77 -19.07
C ALA B 73 9.30 21.78 -18.72
N TYR B 74 10.55 21.35 -18.76
CA TYR B 74 11.62 22.26 -18.49
C TYR B 74 11.93 22.93 -19.84
N GLU B 75 11.12 23.92 -20.19
CA GLU B 75 11.26 24.67 -21.44
C GLU B 75 11.29 26.17 -21.12
N ASP B 76 11.89 26.96 -21.99
CA ASP B 76 11.94 28.40 -21.79
C ASP B 76 10.59 28.96 -22.23
N LYS B 77 9.96 29.74 -21.34
CA LYS B 77 8.65 30.35 -21.61
C LYS B 77 8.68 31.14 -22.91
N ASN B 78 9.84 31.66 -23.27
CA ASN B 78 9.98 32.44 -24.49
C ASN B 78 9.96 31.63 -25.79
N ASP B 79 10.06 30.31 -25.67
CA ASP B 79 10.04 29.45 -26.85
C ASP B 79 8.63 29.02 -27.21
N ILE B 80 7.70 29.28 -26.31
CA ILE B 80 6.32 28.89 -26.53
C ILE B 80 5.70 29.71 -27.68
N PRO B 81 5.27 29.02 -28.77
CA PRO B 81 4.66 29.69 -29.91
C PRO B 81 3.46 30.50 -29.46
N LYS B 82 3.20 31.59 -30.16
CA LYS B 82 2.09 32.45 -29.82
C LYS B 82 0.78 31.94 -30.44
N GLU B 83 0.88 31.35 -31.63
CA GLU B 83 -0.29 30.82 -32.33
C GLU B 83 -0.79 29.50 -31.75
N LYS B 84 -2.09 29.44 -31.47
CA LYS B 84 -2.74 28.26 -30.91
C LYS B 84 -2.29 26.92 -31.49
N ASP B 85 -2.64 26.67 -32.75
CA ASP B 85 -2.30 25.43 -33.40
C ASP B 85 -0.80 25.16 -33.49
N GLU B 86 -0.02 26.23 -33.50
CA GLU B 86 1.42 26.08 -33.57
C GLU B 86 1.99 25.75 -32.20
N LYS B 87 1.32 26.22 -31.15
CA LYS B 87 1.73 25.97 -29.78
C LYS B 87 1.43 24.52 -29.42
N ILE B 88 0.32 24.00 -29.91
CA ILE B 88 -0.07 22.62 -29.65
C ILE B 88 0.96 21.64 -30.22
N ALA B 89 1.36 21.85 -31.46
CA ALA B 89 2.31 20.97 -32.10
C ALA B 89 3.71 21.07 -31.49
N TRP B 90 4.04 22.24 -30.96
CA TRP B 90 5.34 22.45 -30.33
C TRP B 90 5.35 21.78 -28.95
N ALA B 91 4.29 22.02 -28.18
CA ALA B 91 4.16 21.44 -26.84
C ALA B 91 4.15 19.92 -26.90
N LEU B 92 3.43 19.37 -27.87
CA LEU B 92 3.35 17.93 -27.99
C LEU B 92 4.52 17.28 -28.70
N SER B 93 5.53 18.06 -29.06
CA SER B 93 6.71 17.51 -29.70
C SER B 93 7.92 17.70 -28.81
N ARG B 94 7.71 18.27 -27.62
CA ARG B 94 8.79 18.47 -26.66
C ARG B 94 8.98 17.12 -26.00
N LYS B 95 10.19 16.76 -25.64
CA LYS B 95 10.31 15.50 -24.95
C LYS B 95 10.42 15.75 -23.47
N ALA B 96 10.15 14.72 -22.68
CA ALA B 96 10.24 14.82 -21.23
C ALA B 96 9.22 15.78 -20.62
N THR B 97 7.96 15.67 -21.00
CA THR B 97 6.96 16.53 -20.40
C THR B 97 6.12 15.72 -19.42
N LEU B 98 5.41 16.44 -18.58
CA LEU B 98 4.55 15.86 -17.58
C LEU B 98 3.15 16.27 -18.03
N GLU B 99 2.26 15.31 -18.17
CA GLU B 99 0.90 15.59 -18.55
C GLU B 99 0.03 15.34 -17.32
N LEU B 100 -0.35 16.42 -16.65
CA LEU B 100 -1.19 16.34 -15.45
C LEU B 100 -2.65 16.31 -15.85
N THR B 101 -3.35 15.26 -15.44
CA THR B 101 -4.74 15.13 -15.80
C THR B 101 -5.62 15.51 -14.64
N HIS B 102 -6.44 16.52 -14.83
CA HIS B 102 -7.36 16.94 -13.79
C HIS B 102 -8.79 16.54 -14.11
N ASN B 103 -9.34 15.63 -13.33
CA ASN B 103 -10.71 15.20 -13.52
C ASN B 103 -11.52 16.20 -12.67
N TRP B 104 -12.35 16.99 -13.33
CA TRP B 104 -13.14 18.01 -12.64
C TRP B 104 -13.90 17.51 -11.44
N GLY B 105 -13.75 18.22 -10.31
CA GLY B 105 -14.45 17.86 -9.09
C GLY B 105 -13.69 17.13 -7.98
N THR B 106 -12.54 16.56 -8.32
CA THR B 106 -11.76 15.83 -7.35
C THR B 106 -11.29 16.73 -6.20
N GLU B 107 -11.02 18.00 -6.49
CA GLU B 107 -10.57 18.95 -5.45
C GLU B 107 -11.59 19.10 -4.34
N ASP B 108 -12.86 18.92 -4.68
CA ASP B 108 -13.92 19.06 -3.70
C ASP B 108 -14.13 17.79 -2.91
N ASP B 109 -13.94 16.64 -3.54
CA ASP B 109 -14.17 15.39 -2.84
C ASP B 109 -13.09 15.11 -1.78
N GLU B 110 -13.46 15.30 -0.53
CA GLU B 110 -12.56 15.10 0.60
C GLU B 110 -12.05 13.67 0.74
N THR B 111 -12.84 12.71 0.29
CA THR B 111 -12.45 11.31 0.40
C THR B 111 -11.57 10.83 -0.74
N GLN B 112 -11.56 11.58 -1.83
CA GLN B 112 -10.80 11.21 -3.02
C GLN B 112 -9.31 11.54 -2.91
N SER B 113 -8.51 10.67 -3.52
CA SER B 113 -7.07 10.85 -3.59
C SER B 113 -6.56 9.82 -4.59
N TYR B 114 -5.43 10.09 -5.22
CA TYR B 114 -4.88 9.16 -6.17
C TYR B 114 -3.84 8.29 -5.50
N HIS B 115 -3.54 7.14 -6.09
CA HIS B 115 -2.57 6.19 -5.56
C HIS B 115 -1.20 6.46 -6.19
N ASN B 116 -0.14 6.57 -5.38
CA ASN B 116 1.18 6.87 -5.92
C ASN B 116 1.96 5.66 -6.45
N GLY B 117 1.34 4.49 -6.37
CA GLY B 117 1.97 3.28 -6.88
C GLY B 117 3.04 2.65 -6.02
N ASN B 118 3.32 3.23 -4.87
CA ASN B 118 4.37 2.70 -4.01
C ASN B 118 3.90 1.91 -2.79
N SER B 119 2.62 1.55 -2.80
CA SER B 119 2.05 0.73 -1.75
C SER B 119 1.15 -0.20 -2.55
N ASP B 120 0.78 -1.32 -1.97
CA ASP B 120 -0.06 -2.29 -2.66
C ASP B 120 -1.35 -1.64 -3.14
N PRO B 121 -1.69 -1.79 -4.43
CA PRO B 121 -0.99 -2.50 -5.51
C PRO B 121 0.04 -1.59 -6.16
N ARG B 122 1.27 -2.07 -6.26
CA ARG B 122 2.36 -1.30 -6.84
C ARG B 122 2.44 -1.38 -8.36
N GLY B 123 3.10 -0.40 -8.96
CA GLY B 123 3.27 -0.35 -10.39
C GLY B 123 4.26 0.77 -10.66
N PHE B 124 3.72 1.93 -11.00
CA PHE B 124 4.52 3.12 -11.27
C PHE B 124 5.29 3.41 -10.01
N GLY B 125 6.50 3.94 -10.14
CA GLY B 125 7.29 4.26 -8.96
C GLY B 125 7.50 5.73 -8.70
N HIS B 126 8.06 6.42 -9.69
CA HIS B 126 8.37 7.83 -9.53
C HIS B 126 8.88 8.41 -10.84
N ILE B 127 9.02 9.73 -10.86
CA ILE B 127 9.61 10.43 -11.99
C ILE B 127 10.89 10.89 -11.29
N GLY B 128 11.90 11.29 -12.04
CA GLY B 128 13.12 11.69 -11.40
C GLY B 128 13.69 12.91 -12.09
N ILE B 129 14.25 13.81 -11.30
CA ILE B 129 14.81 15.04 -11.82
C ILE B 129 16.32 15.03 -11.57
N ALA B 130 17.11 15.31 -12.61
CA ALA B 130 18.54 15.38 -12.45
C ALA B 130 18.84 16.83 -12.11
N VAL B 131 19.58 17.05 -11.02
CA VAL B 131 19.94 18.37 -10.57
C VAL B 131 21.45 18.46 -10.43
N PRO B 132 22.01 19.69 -10.47
CA PRO B 132 23.46 19.91 -10.34
C PRO B 132 23.98 19.60 -8.94
N ASP B 133 23.15 19.80 -7.93
CA ASP B 133 23.55 19.57 -6.55
C ASP B 133 22.36 19.13 -5.72
N VAL B 134 22.37 17.86 -5.32
CA VAL B 134 21.28 17.30 -4.52
C VAL B 134 21.12 17.98 -3.18
N TYR B 135 22.25 18.27 -2.54
CA TYR B 135 22.23 18.90 -1.22
C TYR B 135 21.65 20.31 -1.20
N SER B 136 22.08 21.15 -2.13
CA SER B 136 21.57 22.51 -2.18
C SER B 136 20.14 22.48 -2.67
N ALA B 137 19.83 21.60 -3.62
CA ALA B 137 18.46 21.50 -4.11
C ALA B 137 17.54 21.12 -2.95
N CYS B 138 17.96 20.16 -2.13
CA CYS B 138 17.14 19.72 -1.00
C CYS B 138 17.04 20.71 0.15
N LYS B 139 18.06 21.54 0.31
CA LYS B 139 18.08 22.57 1.35
C LYS B 139 16.95 23.57 1.05
N ARG B 140 16.84 23.94 -0.22
CA ARG B 140 15.81 24.84 -0.67
C ARG B 140 14.43 24.18 -0.54
N PHE B 141 14.32 22.90 -0.93
CA PHE B 141 13.04 22.18 -0.83
C PHE B 141 12.56 22.19 0.62
N GLU B 142 13.48 22.02 1.56
CA GLU B 142 13.14 22.04 3.00
C GLU B 142 12.60 23.40 3.40
N GLU B 143 13.28 24.45 2.96
CA GLU B 143 12.84 25.80 3.25
C GLU B 143 11.42 26.01 2.74
N LEU B 144 11.12 25.47 1.57
CA LEU B 144 9.80 25.62 0.99
C LEU B 144 8.76 24.68 1.58
N GLY B 145 9.16 23.90 2.58
CA GLY B 145 8.23 22.99 3.22
C GLY B 145 7.80 21.77 2.42
N VAL B 146 8.66 21.30 1.53
CA VAL B 146 8.37 20.12 0.71
C VAL B 146 8.47 18.85 1.57
N LYS B 147 7.58 17.88 1.36
CA LYS B 147 7.63 16.64 2.14
C LYS B 147 8.67 15.71 1.55
N PHE B 148 9.49 15.13 2.41
CA PHE B 148 10.54 14.22 1.97
C PHE B 148 10.19 12.78 2.29
N VAL B 149 10.51 11.87 1.37
CA VAL B 149 10.34 10.45 1.60
C VAL B 149 11.73 10.01 2.09
N LYS B 150 12.77 10.62 1.53
CA LYS B 150 14.14 10.29 1.89
C LYS B 150 15.02 11.51 1.72
N LYS B 151 15.63 11.97 2.81
CA LYS B 151 16.52 13.11 2.71
C LYS B 151 17.81 12.55 2.14
N PRO B 152 18.65 13.40 1.49
CA PRO B 152 19.91 12.98 0.87
C PRO B 152 20.79 12.00 1.64
N ASP B 153 20.97 12.24 2.93
CA ASP B 153 21.82 11.37 3.72
C ASP B 153 21.10 10.36 4.58
N ASP B 154 19.84 10.09 4.28
CA ASP B 154 19.12 9.10 5.05
C ASP B 154 19.29 7.77 4.34
N GLY B 155 19.45 6.70 5.10
CA GLY B 155 19.60 5.40 4.47
C GLY B 155 20.97 5.08 3.95
N LYS B 156 21.05 3.96 3.22
CA LYS B 156 22.31 3.50 2.66
C LYS B 156 22.83 4.40 1.55
N MET B 157 21.93 4.80 0.66
CA MET B 157 22.32 5.63 -0.47
C MET B 157 22.35 7.10 -0.13
N LYS B 158 23.54 7.63 0.13
CA LYS B 158 23.69 9.04 0.46
C LYS B 158 23.77 9.89 -0.81
N GLY B 159 23.25 11.10 -0.78
CA GLY B 159 23.31 11.96 -1.95
C GLY B 159 22.21 11.74 -2.97
N LEU B 160 21.16 11.04 -2.58
CA LEU B 160 20.03 10.76 -3.46
C LEU B 160 18.82 11.06 -2.59
N ALA B 161 17.84 11.78 -3.12
CA ALA B 161 16.67 12.11 -2.32
C ALA B 161 15.38 11.76 -3.02
N PHE B 162 14.30 11.71 -2.25
CA PHE B 162 12.97 11.44 -2.79
C PHE B 162 12.05 12.40 -2.08
N ILE B 163 11.32 13.22 -2.85
CA ILE B 163 10.35 14.17 -2.30
C ILE B 163 8.98 13.75 -2.83
N GLN B 164 7.92 14.32 -2.29
CA GLN B 164 6.57 14.00 -2.74
C GLN B 164 5.91 15.26 -3.25
N ASP B 165 5.07 15.09 -4.27
CA ASP B 165 4.36 16.22 -4.84
C ASP B 165 3.04 16.32 -4.04
N PRO B 166 2.18 17.33 -4.34
CA PRO B 166 0.92 17.45 -3.59
C PRO B 166 0.03 16.23 -3.58
N ASP B 167 0.12 15.39 -4.61
CA ASP B 167 -0.70 14.18 -4.64
C ASP B 167 -0.04 12.99 -3.97
N GLY B 168 1.21 13.15 -3.57
CA GLY B 168 1.92 12.05 -2.93
C GLY B 168 2.82 11.25 -3.89
N TYR B 169 2.91 11.68 -5.15
CA TYR B 169 3.78 11.00 -6.11
C TYR B 169 5.23 11.23 -5.71
N TRP B 170 6.05 10.20 -5.81
CA TRP B 170 7.45 10.32 -5.45
C TRP B 170 8.24 10.92 -6.59
N ILE B 171 9.24 11.73 -6.25
CA ILE B 171 10.09 12.36 -7.24
C ILE B 171 11.50 12.13 -6.73
N GLU B 172 12.31 11.45 -7.53
CA GLU B 172 13.69 11.15 -7.18
C GLU B 172 14.54 12.35 -7.57
N ILE B 173 15.44 12.75 -6.67
CA ILE B 173 16.33 13.88 -6.91
C ILE B 173 17.72 13.28 -6.96
N LEU B 174 18.40 13.42 -8.09
CA LEU B 174 19.70 12.82 -8.26
C LEU B 174 20.69 13.70 -9.00
N ASN B 175 21.98 13.48 -8.76
CA ASN B 175 23.03 14.21 -9.45
C ASN B 175 23.75 13.16 -10.28
N PRO B 176 23.60 13.21 -11.61
CA PRO B 176 24.21 12.26 -12.55
C PRO B 176 25.70 12.12 -12.35
N ASN B 177 26.33 13.23 -11.97
CA ASN B 177 27.77 13.28 -11.78
C ASN B 177 28.29 12.73 -10.47
N LYS B 178 27.40 12.21 -9.64
CA LYS B 178 27.83 11.64 -8.37
C LYS B 178 27.16 10.30 -8.11
N MET B 179 26.50 9.77 -9.13
CA MET B 179 25.81 8.51 -8.98
C MET B 179 26.78 7.32 -8.92
N ALA B 180 27.78 7.35 -9.79
CA ALA B 180 28.79 6.30 -9.85
C ALA B 180 29.54 6.15 -8.52
N THR B 181 29.64 7.26 -7.78
CA THR B 181 30.30 7.32 -6.48
C THR B 181 29.61 6.47 -5.40
N LEU B 182 28.29 6.33 -5.52
CA LEU B 182 27.49 5.57 -4.56
C LEU B 182 27.34 4.13 -5.04
N MET B 183 27.24 3.98 -6.36
CA MET B 183 27.07 2.69 -7.02
C MET B 183 28.40 1.97 -7.28
N GLY C 8 -17.48 -34.12 8.13
CA GLY C 8 -16.44 -33.20 7.61
C GLY C 8 -15.55 -32.74 8.76
N GLY C 9 -14.64 -31.81 8.49
CA GLY C 9 -13.77 -31.32 9.53
C GLY C 9 -12.67 -32.32 9.85
N LEU C 10 -11.54 -31.81 10.32
CA LEU C 10 -10.40 -32.63 10.66
C LEU C 10 -10.61 -33.35 11.98
N THR C 11 -9.85 -34.43 12.15
CA THR C 11 -9.87 -35.19 13.40
C THR C 11 -8.75 -34.53 14.19
N ASP C 12 -8.67 -34.83 15.48
CA ASP C 12 -7.62 -34.24 16.29
C ASP C 12 -6.25 -34.63 15.79
N GLU C 13 -6.12 -35.88 15.36
CA GLU C 13 -4.86 -36.40 14.84
C GLU C 13 -4.52 -35.73 13.53
N ALA C 14 -5.53 -35.54 12.68
CA ALA C 14 -5.30 -34.90 11.39
C ALA C 14 -4.86 -33.44 11.59
N ALA C 15 -5.46 -32.79 12.58
CA ALA C 15 -5.13 -31.40 12.89
C ALA C 15 -3.70 -31.31 13.41
N LEU C 16 -3.36 -32.19 14.35
CA LEU C 16 -2.03 -32.19 14.91
C LEU C 16 -0.94 -32.49 13.90
N SER C 17 -1.23 -33.34 12.93
CA SER C 17 -0.23 -33.69 11.92
C SER C 17 0.11 -32.49 11.03
N CYS C 18 -0.77 -31.48 11.04
CA CYS C 18 -0.54 -30.27 10.26
C CYS C 18 0.22 -29.23 11.08
N CYS C 19 0.38 -29.47 12.39
CA CYS C 19 1.08 -28.53 13.24
C CYS C 19 2.56 -28.84 13.35
N SER C 20 3.39 -27.80 13.39
CA SER C 20 4.82 -27.98 13.53
C SER C 20 5.27 -27.28 14.80
N ASP C 21 6.36 -27.75 15.38
CA ASP C 21 6.91 -27.13 16.57
C ASP C 21 7.43 -25.76 16.17
N ALA C 22 7.39 -24.85 17.11
CA ALA C 22 7.82 -23.50 16.89
C ALA C 22 9.33 -23.44 16.62
N ASP C 23 9.70 -22.83 15.50
CA ASP C 23 11.09 -22.66 15.12
C ASP C 23 11.69 -21.72 16.18
N PRO C 24 12.94 -21.97 16.60
CA PRO C 24 13.54 -21.10 17.61
C PRO C 24 13.58 -19.62 17.23
N SER C 25 13.58 -19.33 15.94
CA SER C 25 13.64 -17.95 15.49
C SER C 25 12.34 -17.19 15.77
N THR C 26 11.29 -17.90 16.14
CA THR C 26 10.02 -17.26 16.42
C THR C 26 9.78 -17.18 17.91
N LYS C 27 10.80 -17.52 18.70
CA LYS C 27 10.72 -17.56 20.16
C LYS C 27 10.09 -16.37 20.89
N ASP C 28 10.41 -15.15 20.49
CA ASP C 28 9.84 -14.00 21.17
C ASP C 28 8.74 -13.24 20.44
N PHE C 29 8.13 -13.87 19.46
CA PHE C 29 7.06 -13.24 18.72
C PHE C 29 5.88 -13.14 19.67
N LEU C 30 5.02 -12.15 19.48
CA LEU C 30 3.82 -12.02 20.31
C LEU C 30 2.73 -11.40 19.48
N LEU C 31 1.49 -11.83 19.72
CA LEU C 31 0.34 -11.33 18.98
C LEU C 31 0.02 -9.99 19.63
N GLN C 32 0.45 -8.93 18.96
CA GLN C 32 0.34 -7.58 19.47
C GLN C 32 -0.96 -6.79 19.26
N GLN C 33 -1.64 -6.99 18.14
CA GLN C 33 -2.80 -6.17 17.89
C GLN C 33 -3.75 -6.79 16.90
N THR C 34 -4.94 -6.20 16.85
CA THR C 34 -6.00 -6.53 15.91
C THR C 34 -6.40 -5.12 15.49
N MET C 35 -6.36 -4.85 14.19
CA MET C 35 -6.71 -3.54 13.67
C MET C 35 -8.12 -3.54 13.13
N LEU C 36 -8.90 -2.54 13.52
CA LEU C 36 -10.28 -2.38 13.08
C LEU C 36 -10.41 -0.92 12.67
N ARG C 37 -11.10 -0.68 11.55
CA ARG C 37 -11.33 0.70 11.11
C ARG C 37 -12.60 1.22 11.78
N VAL C 38 -12.54 2.43 12.33
CA VAL C 38 -13.68 3.04 13.01
C VAL C 38 -14.11 4.35 12.34
N LYS C 39 -15.41 4.48 12.14
CA LYS C 39 -16.00 5.65 11.51
C LYS C 39 -15.83 6.91 12.33
N ASP C 40 -16.14 6.80 13.62
CA ASP C 40 -16.06 7.93 14.53
C ASP C 40 -15.26 7.55 15.77
N PRO C 41 -14.02 8.07 15.89
CA PRO C 41 -13.19 7.76 17.05
C PRO C 41 -13.77 8.23 18.40
N LYS C 42 -14.63 9.24 18.38
CA LYS C 42 -15.25 9.77 19.60
C LYS C 42 -16.19 8.73 20.18
N LYS C 43 -17.02 8.16 19.33
CA LYS C 43 -17.95 7.11 19.74
C LYS C 43 -17.18 5.84 20.16
N SER C 44 -16.15 5.49 19.39
CA SER C 44 -15.34 4.31 19.68
C SER C 44 -14.55 4.42 20.97
N LEU C 45 -13.91 5.57 21.19
CA LEU C 45 -13.14 5.76 22.42
C LEU C 45 -14.03 5.70 23.65
N ASP C 46 -15.23 6.28 23.56
CA ASP C 46 -16.18 6.23 24.66
C ASP C 46 -16.63 4.80 24.96
N PHE C 47 -16.94 4.06 23.90
CA PHE C 47 -17.39 2.70 24.05
C PHE C 47 -16.31 1.81 24.66
N TYR C 48 -15.12 1.82 24.08
CA TYR C 48 -14.05 0.96 24.59
C TYR C 48 -13.52 1.30 25.96
N THR C 49 -13.56 2.57 26.36
CA THR C 49 -13.06 2.93 27.69
C THR C 49 -14.17 2.90 28.74
N ARG C 50 -15.26 3.60 28.48
CA ARG C 50 -16.35 3.65 29.42
C ARG C 50 -17.10 2.34 29.54
N VAL C 51 -17.51 1.77 28.42
CA VAL C 51 -18.26 0.53 28.48
C VAL C 51 -17.42 -0.72 28.75
N LEU C 52 -16.34 -0.91 27.99
CA LEU C 52 -15.53 -2.11 28.16
C LEU C 52 -14.36 -2.03 29.14
N GLY C 53 -14.01 -0.81 29.56
CA GLY C 53 -12.94 -0.67 30.54
C GLY C 53 -11.52 -0.69 30.02
N MET C 54 -11.33 -0.46 28.73
CA MET C 54 -9.99 -0.47 28.17
C MET C 54 -9.36 0.90 28.39
N THR C 55 -8.05 0.96 28.18
CA THR C 55 -7.28 2.18 28.35
C THR C 55 -6.62 2.60 27.03
N LEU C 56 -6.73 3.87 26.69
CA LEU C 56 -6.11 4.38 25.49
C LEU C 56 -4.63 4.54 25.87
N ILE C 57 -3.78 3.68 25.32
CA ILE C 57 -2.37 3.71 25.67
C ILE C 57 -1.47 4.46 24.69
N GLN C 58 -2.00 4.83 23.53
CA GLN C 58 -1.18 5.51 22.53
C GLN C 58 -2.06 6.01 21.40
N LYS C 59 -1.74 7.20 20.88
CA LYS C 59 -2.47 7.81 19.79
C LYS C 59 -1.42 8.29 18.81
N CYS C 60 -1.63 8.05 17.53
CA CYS C 60 -0.68 8.46 16.51
C CYS C 60 -1.46 9.09 15.38
N ASP C 61 -0.94 10.16 14.80
CA ASP C 61 -1.61 10.83 13.70
C ASP C 61 -0.67 10.89 12.51
N PHE C 62 -1.20 10.70 11.32
CA PHE C 62 -0.38 10.74 10.11
C PHE C 62 -1.12 11.67 9.16
N PRO C 63 -0.93 12.98 9.34
CA PRO C 63 -1.55 14.07 8.58
C PRO C 63 -1.38 13.97 7.08
N ILE C 64 -0.21 13.55 6.63
CA ILE C 64 0.02 13.43 5.19
C ILE C 64 -0.94 12.39 4.64
N MET C 65 -1.06 11.28 5.37
CA MET C 65 -1.94 10.19 4.95
C MET C 65 -3.38 10.32 5.42
N LYS C 66 -3.63 11.32 6.27
CA LYS C 66 -4.96 11.59 6.80
C LYS C 66 -5.61 10.46 7.60
N PHE C 67 -4.87 9.94 8.57
CA PHE C 67 -5.41 8.91 9.44
C PHE C 67 -4.74 8.93 10.80
N SER C 68 -5.47 8.46 11.80
CA SER C 68 -4.98 8.37 13.18
C SER C 68 -5.14 6.91 13.62
N LEU C 69 -4.28 6.51 14.56
CA LEU C 69 -4.31 5.18 15.13
C LEU C 69 -4.50 5.37 16.62
N TYR C 70 -5.42 4.61 17.19
CA TYR C 70 -5.71 4.66 18.62
C TYR C 70 -5.47 3.27 19.16
N PHE C 71 -4.56 3.12 20.13
CA PHE C 71 -4.26 1.82 20.69
C PHE C 71 -4.94 1.68 22.03
N LEU C 72 -5.78 0.67 22.15
CA LEU C 72 -6.50 0.40 23.40
C LEU C 72 -6.07 -0.97 23.90
N ALA C 73 -5.96 -1.11 25.21
CA ALA C 73 -5.54 -2.36 25.80
C ALA C 73 -5.97 -2.38 27.24
N TYR C 74 -6.06 -3.57 27.81
CA TYR C 74 -6.39 -3.68 29.20
C TYR C 74 -5.08 -3.54 29.96
N GLU C 75 -4.63 -2.29 30.12
CA GLU C 75 -3.40 -1.96 30.81
C GLU C 75 -3.69 -0.91 31.89
N ASP C 76 -2.86 -0.85 32.91
CA ASP C 76 -3.03 0.13 33.98
C ASP C 76 -2.48 1.47 33.46
N LYS C 77 -3.29 2.52 33.53
CA LYS C 77 -2.90 3.85 33.07
C LYS C 77 -1.59 4.29 33.70
N ASN C 78 -1.33 3.80 34.91
CA ASN C 78 -0.10 4.16 35.63
C ASN C 78 1.17 3.51 35.09
N ASP C 79 1.02 2.53 34.21
CA ASP C 79 2.19 1.86 33.64
C ASP C 79 2.66 2.52 32.37
N ILE C 80 1.84 3.44 31.86
CA ILE C 80 2.18 4.13 30.64
C ILE C 80 3.39 5.05 30.84
N PRO C 81 4.50 4.80 30.11
CA PRO C 81 5.71 5.62 30.21
C PRO C 81 5.37 7.07 29.93
N LYS C 82 6.11 7.97 30.57
CA LYS C 82 5.89 9.39 30.39
C LYS C 82 6.60 9.91 29.14
N GLU C 83 7.77 9.34 28.85
CA GLU C 83 8.57 9.75 27.69
C GLU C 83 8.01 9.22 26.37
N LYS C 84 7.84 10.12 25.41
CA LYS C 84 7.31 9.81 24.08
C LYS C 84 7.84 8.50 23.46
N ASP C 85 9.11 8.50 23.10
CA ASP C 85 9.71 7.33 22.48
C ASP C 85 9.67 6.07 23.34
N GLU C 86 9.62 6.26 24.65
CA GLU C 86 9.57 5.13 25.55
C GLU C 86 8.15 4.59 25.65
N LYS C 87 7.17 5.49 25.46
CA LYS C 87 5.77 5.11 25.51
C LYS C 87 5.41 4.34 24.24
N ILE C 88 5.99 4.73 23.12
CA ILE C 88 5.73 4.06 21.84
C ILE C 88 6.19 2.60 21.89
N ALA C 89 7.41 2.38 22.38
CA ALA C 89 7.94 1.02 22.45
C ALA C 89 7.22 0.15 23.47
N TRP C 90 6.68 0.77 24.51
CA TRP C 90 5.94 0.04 25.53
C TRP C 90 4.56 -0.33 24.99
N ALA C 91 3.88 0.64 24.39
CA ALA C 91 2.56 0.43 23.82
C ALA C 91 2.58 -0.62 22.73
N LEU C 92 3.60 -0.57 21.88
CA LEU C 92 3.71 -1.53 20.80
C LEU C 92 4.30 -2.87 21.18
N SER C 93 4.57 -3.06 22.47
CA SER C 93 5.11 -4.34 22.92
C SER C 93 4.13 -4.99 23.87
N ARG C 94 2.97 -4.36 24.07
CA ARG C 94 1.91 -4.93 24.91
C ARG C 94 1.22 -5.94 24.05
N LYS C 95 0.76 -7.04 24.62
CA LYS C 95 0.05 -7.95 23.77
C LYS C 95 -1.45 -7.75 23.95
N ALA C 96 -2.23 -8.22 22.98
CA ALA C 96 -3.68 -8.10 23.05
C ALA C 96 -4.19 -6.66 23.00
N THR C 97 -3.70 -5.88 22.06
CA THR C 97 -4.19 -4.52 21.95
C THR C 97 -5.10 -4.41 20.74
N LEU C 98 -5.88 -3.34 20.71
CA LEU C 98 -6.79 -3.05 19.65
C LEU C 98 -6.22 -1.81 18.99
N GLU C 99 -6.02 -1.86 17.69
CA GLU C 99 -5.52 -0.72 16.95
C GLU C 99 -6.67 -0.18 16.11
N LEU C 100 -7.29 0.89 16.58
CA LEU C 100 -8.41 1.52 15.88
C LEU C 100 -7.89 2.51 14.86
N THR C 101 -8.25 2.30 13.61
CA THR C 101 -7.78 3.17 12.56
C THR C 101 -8.86 4.14 12.17
N HIS C 102 -8.58 5.43 12.33
CA HIS C 102 -9.53 6.45 11.94
C HIS C 102 -9.08 7.16 10.66
N ASN C 103 -9.83 6.97 9.59
CA ASN C 103 -9.53 7.63 8.33
C ASN C 103 -10.28 8.97 8.44
N TRP C 104 -9.55 10.08 8.46
CA TRP C 104 -10.14 11.39 8.60
C TRP C 104 -11.29 11.67 7.66
N GLY C 105 -12.41 12.14 8.21
CA GLY C 105 -13.58 12.48 7.41
C GLY C 105 -14.75 11.51 7.37
N THR C 106 -14.52 10.28 7.77
CA THR C 106 -15.58 9.28 7.76
C THR C 106 -16.75 9.65 8.67
N GLU C 107 -16.47 10.34 9.77
CA GLU C 107 -17.52 10.76 10.71
C GLU C 107 -18.52 11.67 10.07
N ASP C 108 -18.08 12.41 9.06
CA ASP C 108 -18.97 13.33 8.38
C ASP C 108 -19.77 12.66 7.29
N ASP C 109 -19.17 11.67 6.61
CA ASP C 109 -19.87 11.01 5.54
C ASP C 109 -21.01 10.14 6.02
N GLU C 110 -22.23 10.62 5.85
CA GLU C 110 -23.44 9.92 6.29
C GLU C 110 -23.65 8.58 5.62
N THR C 111 -23.14 8.43 4.40
CA THR C 111 -23.31 7.18 3.66
C THR C 111 -22.26 6.13 3.99
N GLN C 112 -21.16 6.57 4.59
CA GLN C 112 -20.05 5.70 4.91
C GLN C 112 -20.29 4.86 6.17
N SER C 113 -19.76 3.65 6.15
CA SER C 113 -19.81 2.73 7.28
C SER C 113 -18.88 1.59 6.95
N TYR C 114 -18.34 0.93 7.96
CA TYR C 114 -17.46 -0.19 7.72
C TYR C 114 -18.25 -1.50 7.79
N HIS C 115 -17.68 -2.55 7.21
CA HIS C 115 -18.32 -3.88 7.18
C HIS C 115 -17.80 -4.70 8.36
N ASN C 116 -18.69 -5.31 9.14
CA ASN C 116 -18.27 -6.09 10.30
C ASN C 116 -17.83 -7.52 10.00
N GLY C 117 -17.88 -7.90 8.73
CA GLY C 117 -17.45 -9.22 8.33
C GLY C 117 -18.41 -10.37 8.58
N ASN C 118 -19.57 -10.07 9.14
CA ASN C 118 -20.53 -11.13 9.45
C ASN C 118 -21.71 -11.25 8.50
N SER C 119 -21.60 -10.60 7.36
CA SER C 119 -22.61 -10.68 6.32
C SER C 119 -21.74 -10.75 5.07
N ASP C 120 -22.31 -11.23 3.97
CA ASP C 120 -21.57 -11.37 2.73
C ASP C 120 -20.96 -10.03 2.32
N PRO C 121 -19.66 -9.99 2.04
CA PRO C 121 -18.65 -11.06 2.08
C PRO C 121 -18.07 -11.21 3.47
N ARG C 122 -18.10 -12.43 3.99
CA ARG C 122 -17.60 -12.71 5.33
C ARG C 122 -16.09 -12.93 5.40
N GLY C 123 -15.53 -12.75 6.59
CA GLY C 123 -14.12 -12.95 6.81
C GLY C 123 -13.92 -12.89 8.31
N PHE C 124 -13.52 -11.72 8.79
CA PHE C 124 -13.30 -11.48 10.21
C PHE C 124 -14.62 -11.73 10.90
N GLY C 125 -14.58 -12.23 12.13
CA GLY C 125 -15.82 -12.48 12.84
C GLY C 125 -16.07 -11.58 14.04
N HIS C 126 -15.13 -11.58 14.96
CA HIS C 126 -15.29 -10.79 16.18
C HIS C 126 -14.01 -10.85 17.01
N ILE C 127 -13.98 -10.02 18.05
CA ILE C 127 -12.90 -10.04 19.03
C ILE C 127 -13.70 -10.59 20.21
N GLY C 128 -13.04 -11.08 21.23
CA GLY C 128 -13.77 -11.62 22.35
C GLY C 128 -13.12 -11.22 23.64
N ILE C 129 -13.94 -10.93 24.64
CA ILE C 129 -13.45 -10.51 25.94
C ILE C 129 -13.82 -11.56 26.97
N ALA C 130 -12.85 -12.00 27.76
CA ALA C 130 -13.14 -12.97 28.81
C ALA C 130 -13.48 -12.14 30.05
N VAL C 131 -14.62 -12.44 30.66
CA VAL C 131 -15.08 -11.73 31.83
C VAL C 131 -15.35 -12.74 32.95
N PRO C 132 -15.33 -12.28 34.22
CA PRO C 132 -15.59 -13.13 35.39
C PRO C 132 -17.04 -13.63 35.45
N ASP C 133 -17.96 -12.82 34.96
CA ASP C 133 -19.36 -13.16 35.03
C ASP C 133 -20.11 -12.57 33.83
N VAL C 134 -20.53 -13.43 32.92
CA VAL C 134 -21.23 -12.99 31.70
C VAL C 134 -22.56 -12.30 32.02
N TYR C 135 -23.28 -12.85 32.98
CA TYR C 135 -24.57 -12.30 33.36
C TYR C 135 -24.52 -10.91 33.96
N SER C 136 -23.62 -10.70 34.90
CA SER C 136 -23.51 -9.38 35.51
C SER C 136 -22.89 -8.41 34.53
N ALA C 137 -21.94 -8.89 33.73
CA ALA C 137 -21.33 -8.02 32.73
C ALA C 137 -22.41 -7.54 31.76
N CYS C 138 -23.28 -8.45 31.32
CA CYS C 138 -24.35 -8.09 30.37
C CYS C 138 -25.47 -7.25 30.95
N LYS C 139 -25.69 -7.38 32.26
CA LYS C 139 -26.72 -6.60 32.96
C LYS C 139 -26.31 -5.12 32.90
N ARG C 140 -25.02 -4.88 33.15
CA ARG C 140 -24.47 -3.54 33.09
C ARG C 140 -24.50 -3.01 31.65
N PHE C 141 -24.12 -3.86 30.68
CA PHE C 141 -24.12 -3.45 29.27
C PHE C 141 -25.52 -2.99 28.87
N GLU C 142 -26.55 -3.69 29.35
CA GLU C 142 -27.93 -3.34 29.05
C GLU C 142 -28.27 -1.97 29.62
N GLU C 143 -27.87 -1.74 30.88
CA GLU C 143 -28.10 -0.47 31.53
C GLU C 143 -27.47 0.64 30.71
N LEU C 144 -26.28 0.40 30.17
CA LEU C 144 -25.58 1.39 29.39
C LEU C 144 -26.10 1.52 27.96
N GLY C 145 -27.15 0.78 27.63
CA GLY C 145 -27.72 0.85 26.30
C GLY C 145 -26.91 0.24 25.16
N VAL C 146 -26.10 -0.78 25.47
CA VAL C 146 -25.27 -1.45 24.46
C VAL C 146 -26.17 -2.34 23.59
N LYS C 147 -25.90 -2.41 22.28
CA LYS C 147 -26.69 -3.25 21.39
C LYS C 147 -26.22 -4.68 21.48
N PHE C 148 -27.15 -5.61 21.60
CA PHE C 148 -26.82 -7.02 21.69
C PHE C 148 -27.14 -7.75 20.41
N VAL C 149 -26.27 -8.69 20.03
CA VAL C 149 -26.50 -9.54 18.88
C VAL C 149 -27.11 -10.81 19.51
N LYS C 150 -26.64 -11.16 20.70
CA LYS C 150 -27.12 -12.34 21.40
C LYS C 150 -27.01 -12.12 22.89
N LYS C 151 -28.14 -12.15 23.60
CA LYS C 151 -28.10 -11.99 25.05
C LYS C 151 -27.65 -13.35 25.57
N PRO C 152 -27.07 -13.41 26.79
CA PRO C 152 -26.56 -14.64 27.40
C PRO C 152 -27.43 -15.89 27.28
N ASP C 153 -28.73 -15.75 27.51
CA ASP C 153 -29.59 -16.91 27.45
C ASP C 153 -30.40 -17.05 26.17
N ASP C 154 -30.00 -16.35 25.12
CA ASP C 154 -30.73 -16.48 23.86
C ASP C 154 -30.05 -17.58 23.08
N GLY C 155 -30.84 -18.39 22.39
CA GLY C 155 -30.25 -19.44 21.59
C GLY C 155 -29.85 -20.69 22.34
N LYS C 156 -29.16 -21.58 21.63
CA LYS C 156 -28.72 -22.84 22.21
C LYS C 156 -27.64 -22.66 23.26
N MET C 157 -26.67 -21.81 22.97
CA MET C 157 -25.57 -21.59 23.89
C MET C 157 -25.88 -20.55 24.95
N LYS C 158 -26.23 -21.02 26.14
CA LYS C 158 -26.55 -20.10 27.25
C LYS C 158 -25.27 -19.67 27.97
N GLY C 159 -25.24 -18.45 28.47
CA GLY C 159 -24.07 -17.98 29.18
C GLY C 159 -22.95 -17.43 28.31
N LEU C 160 -23.27 -17.13 27.05
CA LEU C 160 -22.30 -16.59 26.10
C LEU C 160 -23.05 -15.46 25.43
N ALA C 161 -22.43 -14.29 25.30
CA ALA C 161 -23.12 -13.17 24.68
C ALA C 161 -22.31 -12.56 23.55
N PHE C 162 -22.99 -11.76 22.73
CA PHE C 162 -22.34 -11.05 21.64
C PHE C 162 -22.95 -9.66 21.65
N ILE C 163 -22.10 -8.64 21.76
CA ILE C 163 -22.56 -7.25 21.74
C ILE C 163 -21.92 -6.61 20.51
N GLN C 164 -22.36 -5.40 20.15
CA GLN C 164 -21.80 -4.70 19.00
C GLN C 164 -21.20 -3.39 19.47
N ASP C 165 -20.11 -2.98 18.81
CA ASP C 165 -19.47 -1.72 19.15
C ASP C 165 -20.15 -0.67 18.27
N PRO C 166 -19.76 0.63 18.39
CA PRO C 166 -20.38 1.67 17.58
C PRO C 166 -20.35 1.45 16.07
N ASP C 167 -19.34 0.73 15.59
CA ASP C 167 -19.26 0.46 14.15
C ASP C 167 -20.01 -0.79 13.73
N GLY C 168 -20.52 -1.55 14.70
CA GLY C 168 -21.22 -2.77 14.37
C GLY C 168 -20.37 -4.04 14.47
N TYR C 169 -19.11 -3.90 14.91
CA TYR C 169 -18.24 -5.06 15.07
C TYR C 169 -18.76 -5.90 16.24
N TRP C 170 -18.76 -7.21 16.07
CA TRP C 170 -19.23 -8.10 17.12
C TRP C 170 -18.15 -8.33 18.16
N ILE C 171 -18.56 -8.44 19.41
CA ILE C 171 -17.65 -8.69 20.51
C ILE C 171 -18.28 -9.81 21.30
N GLU C 172 -17.56 -10.92 21.41
CA GLU C 172 -18.02 -12.08 22.15
C GLU C 172 -17.71 -11.89 23.62
N ILE C 173 -18.68 -12.18 24.48
CA ILE C 173 -18.49 -12.03 25.93
C ILE C 173 -18.57 -13.45 26.47
N LEU C 174 -17.50 -13.91 27.09
CA LEU C 174 -17.46 -15.28 27.59
C LEU C 174 -16.78 -15.41 28.95
N ASN C 175 -17.13 -16.47 29.67
CA ASN C 175 -16.53 -16.76 30.97
C ASN C 175 -15.79 -18.06 30.75
N PRO C 176 -14.44 -18.02 30.74
CA PRO C 176 -13.57 -19.19 30.54
C PRO C 176 -13.92 -20.33 31.48
N ASN C 177 -14.32 -19.97 32.69
CA ASN C 177 -14.64 -20.95 33.72
C ASN C 177 -16.00 -21.61 33.61
N LYS C 178 -16.76 -21.28 32.59
CA LYS C 178 -18.07 -21.89 32.42
C LYS C 178 -18.29 -22.33 30.98
N MET C 179 -17.23 -22.31 30.19
CA MET C 179 -17.33 -22.70 28.80
C MET C 179 -17.50 -24.20 28.63
N ALA C 180 -16.72 -24.96 29.39
CA ALA C 180 -16.77 -26.42 29.34
C ALA C 180 -18.17 -26.95 29.70
N THR C 181 -18.89 -26.19 30.51
CA THR C 181 -20.24 -26.52 30.97
C THR C 181 -21.27 -26.54 29.82
N LEU C 182 -21.04 -25.72 28.81
CA LEU C 182 -21.94 -25.60 27.65
C LEU C 182 -21.46 -26.55 26.54
N MET C 183 -20.14 -26.67 26.43
CA MET C 183 -19.49 -27.50 25.42
C MET C 183 -19.36 -28.97 25.85
N GLY D 8 -8.18 17.51 9.98
CA GLY D 8 -9.22 16.57 10.53
C GLY D 8 -8.61 15.77 11.67
N GLY D 9 -9.36 14.79 12.18
CA GLY D 9 -8.86 13.99 13.27
C GLY D 9 -8.88 14.73 14.59
N LEU D 10 -9.01 13.98 15.68
CA LEU D 10 -9.07 14.55 17.01
C LEU D 10 -7.70 15.00 17.48
N THR D 11 -7.71 15.91 18.46
CA THR D 11 -6.48 16.38 19.08
C THR D 11 -6.32 15.42 20.25
N ASP D 12 -5.15 15.42 20.88
CA ASP D 12 -4.94 14.53 22.01
C ASP D 12 -5.91 14.82 23.13
N GLU D 13 -6.18 16.10 23.35
CA GLU D 13 -7.10 16.54 24.40
C GLU D 13 -8.51 16.13 24.05
N ALA D 14 -8.89 16.26 22.78
CA ALA D 14 -10.22 15.88 22.35
C ALA D 14 -10.43 14.37 22.52
N ALA D 15 -9.38 13.61 22.23
CA ALA D 15 -9.43 12.16 22.34
C ALA D 15 -9.56 11.77 23.81
N LEU D 16 -8.75 12.37 24.66
CA LEU D 16 -8.79 12.08 26.08
C LEU D 16 -10.12 12.42 26.73
N SER D 17 -10.76 13.50 26.28
CA SER D 17 -12.03 13.89 26.86
C SER D 17 -13.13 12.88 26.57
N CYS D 18 -12.89 12.02 25.57
CA CYS D 18 -13.85 10.99 25.21
C CYS D 18 -13.57 9.71 25.99
N CYS D 19 -12.44 9.65 26.68
CA CYS D 19 -12.09 8.46 27.45
C CYS D 19 -12.57 8.53 28.89
N SER D 20 -13.02 7.40 29.43
CA SER D 20 -13.46 7.34 30.81
C SER D 20 -12.60 6.34 31.54
N ASP D 21 -12.48 6.51 32.85
CA ASP D 21 -11.72 5.59 33.66
C ASP D 21 -12.48 4.28 33.69
N ALA D 22 -11.73 3.20 33.82
CA ALA D 22 -12.32 1.88 33.84
C ALA D 22 -13.19 1.67 35.08
N ASP D 23 -14.43 1.27 34.85
CA ASP D 23 -15.37 1.00 35.92
C ASP D 23 -14.80 -0.22 36.67
N PRO D 24 -14.90 -0.24 38.00
CA PRO D 24 -14.37 -1.39 38.75
C PRO D 24 -14.93 -2.74 38.32
N SER D 25 -16.13 -2.75 37.77
CA SER D 25 -16.75 -4.00 37.35
C SER D 25 -16.05 -4.61 36.14
N THR D 26 -15.19 -3.85 35.48
CA THR D 26 -14.50 -4.36 34.31
C THR D 26 -13.06 -4.72 34.66
N LYS D 27 -12.75 -4.69 35.95
CA LYS D 27 -11.39 -4.95 36.45
C LYS D 27 -10.63 -6.17 35.90
N ASP D 28 -11.29 -7.31 35.78
CA ASP D 28 -10.59 -8.49 35.29
C ASP D 28 -10.89 -8.93 33.86
N PHE D 29 -11.44 -8.02 33.07
CA PHE D 29 -11.74 -8.33 31.68
C PHE D 29 -10.40 -8.46 30.97
N LEU D 30 -10.35 -9.26 29.92
CA LEU D 30 -9.13 -9.40 29.13
C LEU D 30 -9.50 -9.67 27.69
N LEU D 31 -8.71 -9.13 26.77
CA LEU D 31 -8.97 -9.31 25.35
C LEU D 31 -8.44 -10.69 25.03
N GLN D 32 -9.36 -11.63 24.92
CA GLN D 32 -9.04 -13.04 24.74
C GLN D 32 -8.80 -13.58 23.32
N GLN D 33 -9.50 -13.06 22.32
CA GLN D 33 -9.35 -13.63 21.02
C GLN D 33 -9.75 -12.69 19.92
N THR D 34 -9.38 -13.09 18.70
CA THR D 34 -9.74 -12.43 17.45
C THR D 34 -10.14 -13.64 16.64
N MET D 35 -11.36 -13.64 16.12
CA MET D 35 -11.86 -14.74 15.33
C MET D 35 -11.77 -14.44 13.84
N LEU D 36 -11.22 -15.38 13.08
CA LEU D 36 -11.08 -15.26 11.64
C LEU D 36 -11.57 -16.56 11.05
N ARG D 37 -12.33 -16.47 9.96
CA ARG D 37 -12.83 -17.66 9.29
C ARG D 37 -11.76 -18.15 8.29
N VAL D 38 -11.46 -19.44 8.31
CA VAL D 38 -10.45 -20.01 7.41
C VAL D 38 -11.05 -21.08 6.49
N LYS D 39 -10.71 -20.99 5.21
CA LYS D 39 -11.20 -21.90 4.19
C LYS D 39 -10.70 -23.32 4.39
N ASP D 40 -9.39 -23.44 4.62
CA ASP D 40 -8.77 -24.74 4.82
C ASP D 40 -7.93 -24.73 6.10
N PRO D 41 -8.40 -25.43 7.14
CA PRO D 41 -7.66 -25.50 8.40
C PRO D 41 -6.28 -26.16 8.31
N LYS D 42 -6.07 -27.02 7.29
CA LYS D 42 -4.78 -27.69 7.11
C LYS D 42 -3.73 -26.69 6.71
N LYS D 43 -4.07 -25.83 5.75
CA LYS D 43 -3.17 -24.79 5.30
C LYS D 43 -2.96 -23.75 6.42
N SER D 44 -4.03 -23.39 7.12
CA SER D 44 -3.93 -22.42 8.22
C SER D 44 -3.12 -22.90 9.39
N LEU D 45 -3.35 -24.15 9.81
CA LEU D 45 -2.59 -24.71 10.94
C LEU D 45 -1.11 -24.79 10.61
N ASP D 46 -0.76 -25.15 9.38
CA ASP D 46 0.63 -25.21 8.96
C ASP D 46 1.27 -23.84 8.98
N PHE D 47 0.55 -22.85 8.45
CA PHE D 47 1.06 -21.50 8.39
C PHE D 47 1.28 -20.92 9.79
N TYR D 48 0.26 -20.96 10.63
CA TYR D 48 0.39 -20.40 11.96
C TYR D 48 1.35 -21.08 12.90
N THR D 49 1.57 -22.39 12.74
CA THR D 49 2.50 -23.09 13.63
C THR D 49 3.91 -23.13 13.05
N ARG D 50 4.03 -23.60 11.82
CA ARG D 50 5.33 -23.70 11.19
C ARG D 50 5.93 -22.35 10.83
N VAL D 51 5.17 -21.50 10.16
CA VAL D 51 5.71 -20.21 9.77
C VAL D 51 5.77 -19.19 10.90
N LEU D 52 4.66 -18.98 11.61
CA LEU D 52 4.64 -17.97 12.66
C LEU D 52 5.02 -18.43 14.07
N GLY D 53 5.09 -19.74 14.29
CA GLY D 53 5.49 -20.22 15.60
C GLY D 53 4.44 -20.28 16.69
N MET D 54 3.17 -20.26 16.31
CA MET D 54 2.12 -20.33 17.29
C MET D 54 1.86 -21.78 17.66
N THR D 55 1.11 -21.98 18.75
CA THR D 55 0.78 -23.30 19.25
C THR D 55 -0.73 -23.52 19.23
N LEU D 56 -1.16 -24.66 18.74
CA LEU D 56 -2.58 -25.00 18.73
C LEU D 56 -2.87 -25.42 20.17
N ILE D 57 -3.60 -24.59 20.90
CA ILE D 57 -3.89 -24.90 22.30
C ILE D 57 -5.23 -25.54 22.57
N GLN D 58 -6.11 -25.58 21.58
CA GLN D 58 -7.44 -26.13 21.78
C GLN D 58 -8.16 -26.26 20.44
N LYS D 59 -8.92 -27.35 20.28
CA LYS D 59 -9.69 -27.60 19.07
C LYS D 59 -11.06 -28.02 19.54
N CYS D 60 -12.10 -27.47 18.92
CA CYS D 60 -13.47 -27.79 19.28
C CYS D 60 -14.24 -28.05 18.01
N ASP D 61 -15.13 -29.04 18.04
CA ASP D 61 -15.92 -29.36 16.87
C ASP D 61 -17.39 -29.30 17.25
N PHE D 62 -18.22 -28.80 16.35
CA PHE D 62 -19.66 -28.69 16.61
C PHE D 62 -20.31 -29.29 15.38
N PRO D 63 -20.42 -30.62 15.34
CA PRO D 63 -20.98 -31.43 14.27
C PRO D 63 -22.40 -31.05 13.86
N ILE D 64 -23.23 -30.70 14.84
CA ILE D 64 -24.61 -30.32 14.51
C ILE D 64 -24.56 -29.05 13.66
N MET D 65 -23.69 -28.12 14.06
CA MET D 65 -23.57 -26.86 13.35
C MET D 65 -22.56 -26.89 12.20
N LYS D 66 -21.82 -27.99 12.09
CA LYS D 66 -20.83 -28.18 11.04
C LYS D 66 -19.69 -27.16 11.01
N PHE D 67 -19.05 -26.97 12.16
CA PHE D 67 -17.91 -26.09 12.23
C PHE D 67 -16.97 -26.48 13.34
N SER D 68 -15.69 -26.14 13.17
CA SER D 68 -14.65 -26.40 14.17
C SER D 68 -13.98 -25.07 14.50
N LEU D 69 -13.45 -24.99 15.71
CA LEU D 69 -12.75 -23.82 16.20
C LEU D 69 -11.35 -24.29 16.56
N TYR D 70 -10.34 -23.56 16.11
CA TYR D 70 -8.94 -23.86 16.38
C TYR D 70 -8.37 -22.66 17.11
N PHE D 71 -7.87 -22.85 18.32
CA PHE D 71 -7.31 -21.75 19.07
C PHE D 71 -5.80 -21.81 19.02
N LEU D 72 -5.20 -20.73 18.52
CA LEU D 72 -3.75 -20.64 18.41
C LEU D 72 -3.28 -19.48 19.28
N ALA D 73 -2.13 -19.64 19.92
CA ALA D 73 -1.61 -18.60 20.78
C ALA D 73 -0.12 -18.83 20.96
N TYR D 74 0.58 -17.78 21.35
CA TYR D 74 1.98 -17.93 21.60
C TYR D 74 2.09 -18.41 23.04
N GLU D 75 1.89 -19.71 23.24
CA GLU D 75 1.94 -20.35 24.56
C GLU D 75 2.89 -21.55 24.47
N ASP D 76 3.46 -21.95 25.61
CA ASP D 76 4.35 -23.09 25.64
C ASP D 76 3.47 -24.35 25.67
N LYS D 77 3.73 -25.27 24.73
CA LYS D 77 2.98 -26.52 24.63
C LYS D 77 2.94 -27.25 25.96
N ASN D 78 3.98 -27.07 26.77
CA ASN D 78 4.07 -27.75 28.06
C ASN D 78 3.14 -27.18 29.14
N ASP D 79 2.54 -26.02 28.88
CA ASP D 79 1.65 -25.41 29.85
C ASP D 79 0.21 -25.85 29.64
N ILE D 80 -0.04 -26.52 28.53
CA ILE D 80 -1.37 -26.98 28.20
C ILE D 80 -1.81 -28.07 29.18
N PRO D 81 -2.90 -27.83 29.93
CA PRO D 81 -3.42 -28.81 30.89
C PRO D 81 -3.73 -30.12 30.18
N LYS D 82 -3.59 -31.21 30.89
CA LYS D 82 -3.86 -32.52 30.32
C LYS D 82 -5.34 -32.86 30.38
N GLU D 83 -6.01 -32.41 31.45
CA GLU D 83 -7.44 -32.66 31.63
C GLU D 83 -8.33 -31.81 30.72
N LYS D 84 -9.24 -32.45 30.01
CA LYS D 84 -10.17 -31.80 29.09
C LYS D 84 -10.76 -30.48 29.60
N ASP D 85 -11.62 -30.56 30.62
CA ASP D 85 -12.28 -29.38 31.16
C ASP D 85 -11.32 -28.34 31.71
N GLU D 86 -10.14 -28.80 32.14
CA GLU D 86 -9.15 -27.90 32.68
C GLU D 86 -8.40 -27.19 31.55
N LYS D 87 -8.29 -27.88 30.41
CA LYS D 87 -7.60 -27.34 29.26
C LYS D 87 -8.49 -26.28 28.60
N ILE D 88 -9.80 -26.49 28.61
CA ILE D 88 -10.74 -25.53 28.04
C ILE D 88 -10.69 -24.21 28.78
N ALA D 89 -10.73 -24.26 30.10
CA ALA D 89 -10.71 -23.03 30.89
C ALA D 89 -9.37 -22.30 30.82
N TRP D 90 -8.29 -23.05 30.60
CA TRP D 90 -6.96 -22.46 30.48
C TRP D 90 -6.82 -21.79 29.11
N ALA D 91 -7.22 -22.51 28.07
CA ALA D 91 -7.14 -22.02 26.70
C ALA D 91 -8.00 -20.76 26.53
N LEU D 92 -9.19 -20.77 27.12
CA LEU D 92 -10.08 -19.64 27.00
C LEU D 92 -9.79 -18.51 27.96
N SER D 93 -8.72 -18.63 28.74
CA SER D 93 -8.36 -17.56 29.67
C SER D 93 -7.01 -16.98 29.28
N ARG D 94 -6.44 -17.48 28.18
CA ARG D 94 -5.16 -16.97 27.69
C ARG D 94 -5.52 -15.69 26.95
N LYS D 95 -4.66 -14.70 26.98
CA LYS D 95 -4.99 -13.54 26.20
C LYS D 95 -4.24 -13.57 24.89
N ALA D 96 -4.72 -12.80 23.92
CA ALA D 96 -4.07 -12.74 22.61
C ALA D 96 -4.10 -14.04 21.84
N THR D 97 -5.26 -14.67 21.75
CA THR D 97 -5.34 -15.90 20.97
C THR D 97 -6.06 -15.62 19.66
N LEU D 98 -5.91 -16.54 18.74
CA LEU D 98 -6.53 -16.47 17.44
C LEU D 98 -7.52 -17.61 17.44
N GLU D 99 -8.77 -17.31 17.12
CA GLU D 99 -9.80 -18.33 17.05
C GLU D 99 -10.15 -18.52 15.58
N LEU D 100 -9.61 -19.57 14.98
CA LEU D 100 -9.86 -19.87 13.57
C LEU D 100 -11.13 -20.69 13.43
N THR D 101 -12.07 -20.18 12.67
CA THR D 101 -13.33 -20.86 12.50
C THR D 101 -13.37 -21.57 11.18
N HIS D 102 -13.52 -22.89 11.23
CA HIS D 102 -13.61 -23.66 10.01
C HIS D 102 -15.04 -24.14 9.77
N ASN D 103 -15.66 -23.63 8.72
CA ASN D 103 -17.01 -24.05 8.37
C ASN D 103 -16.78 -25.25 7.44
N TRP D 104 -17.22 -26.43 7.88
CA TRP D 104 -17.03 -27.66 7.12
C TRP D 104 -17.44 -27.57 5.67
N GLY D 105 -16.53 -27.99 4.77
CA GLY D 105 -16.81 -27.99 3.34
C GLY D 105 -16.23 -26.88 2.49
N THR D 106 -15.79 -25.80 3.10
CA THR D 106 -15.23 -24.68 2.36
C THR D 106 -13.98 -25.08 1.58
N GLU D 107 -13.19 -26.01 2.11
CA GLU D 107 -11.97 -26.47 1.45
C GLU D 107 -12.26 -27.08 0.09
N ASP D 108 -13.45 -27.64 -0.06
CA ASP D 108 -13.82 -28.27 -1.30
C ASP D 108 -14.37 -27.28 -2.29
N ASP D 109 -15.09 -26.27 -1.82
CA ASP D 109 -15.67 -25.31 -2.72
C ASP D 109 -14.64 -24.40 -3.37
N GLU D 110 -14.36 -24.66 -4.63
CA GLU D 110 -13.36 -23.92 -5.40
C GLU D 110 -13.70 -22.44 -5.57
N THR D 111 -14.98 -22.11 -5.54
CA THR D 111 -15.40 -20.72 -5.71
C THR D 111 -15.40 -19.92 -4.43
N GLN D 112 -15.39 -20.62 -3.30
CA GLN D 112 -15.44 -20.00 -2.00
C GLN D 112 -14.10 -19.42 -1.55
N SER D 113 -14.17 -18.32 -0.81
CA SER D 113 -13.00 -17.67 -0.24
C SER D 113 -13.54 -16.61 0.71
N TYR D 114 -12.76 -16.26 1.73
CA TYR D 114 -13.19 -15.24 2.66
C TYR D 114 -12.62 -13.90 2.27
N HIS D 115 -13.23 -12.83 2.76
CA HIS D 115 -12.81 -11.46 2.46
C HIS D 115 -11.85 -10.97 3.57
N ASN D 116 -10.70 -10.43 3.18
CA ASN D 116 -9.72 -9.97 4.18
C ASN D 116 -9.98 -8.59 4.76
N GLY D 117 -11.06 -7.94 4.31
CA GLY D 117 -11.41 -6.64 4.83
C GLY D 117 -10.63 -5.46 4.30
N ASN D 118 -9.69 -5.69 3.40
CA ASN D 118 -8.86 -4.61 2.88
C ASN D 118 -9.21 -4.12 1.48
N SER D 119 -10.37 -4.53 1.01
CA SER D 119 -10.87 -4.09 -0.28
C SER D 119 -12.36 -3.88 0.03
N ASP D 120 -13.03 -3.11 -0.79
CA ASP D 120 -14.44 -2.82 -0.57
C ASP D 120 -15.24 -4.11 -0.48
N PRO D 121 -16.05 -4.27 0.59
CA PRO D 121 -16.28 -3.38 1.73
C PRO D 121 -15.25 -3.61 2.81
N ARG D 122 -14.61 -2.54 3.25
CA ARG D 122 -13.57 -2.61 4.27
C ARG D 122 -14.11 -2.62 5.71
N GLY D 123 -13.29 -3.12 6.61
CA GLY D 123 -13.65 -3.18 8.02
C GLY D 123 -12.40 -3.57 8.76
N PHE D 124 -12.30 -4.86 9.06
CA PHE D 124 -11.15 -5.43 9.75
C PHE D 124 -9.94 -5.15 8.88
N GLY D 125 -8.79 -4.92 9.49
CA GLY D 125 -7.59 -4.67 8.71
C GLY D 125 -6.54 -5.76 8.75
N HIS D 126 -6.10 -6.08 9.95
CA HIS D 126 -5.05 -7.07 10.12
C HIS D 126 -4.83 -7.38 11.59
N ILE D 127 -4.01 -8.39 11.84
CA ILE D 127 -3.59 -8.73 13.19
C ILE D 127 -2.12 -8.34 13.05
N GLY D 128 -1.41 -8.17 14.14
CA GLY D 128 -0.02 -7.78 14.02
C GLY D 128 0.81 -8.53 15.02
N ILE D 129 2.01 -8.91 14.61
CA ILE D 129 2.93 -9.67 15.46
C ILE D 129 4.15 -8.81 15.74
N ALA D 130 4.53 -8.68 17.01
CA ALA D 130 5.70 -7.92 17.37
C ALA D 130 6.84 -8.94 17.35
N VAL D 131 7.91 -8.63 16.63
CA VAL D 131 9.06 -9.50 16.52
C VAL D 131 10.32 -8.73 16.92
N PRO D 132 11.39 -9.43 17.32
CA PRO D 132 12.66 -8.81 17.73
C PRO D 132 13.40 -8.15 16.55
N ASP D 133 13.23 -8.71 15.36
CA ASP D 133 13.91 -8.19 14.20
C ASP D 133 13.07 -8.42 12.95
N VAL D 134 12.54 -7.33 12.39
CA VAL D 134 11.69 -7.40 11.21
C VAL D 134 12.42 -7.95 10.00
N TYR D 135 13.66 -7.52 9.83
CA TYR D 135 14.47 -7.95 8.69
C TYR D 135 14.80 -9.45 8.68
N SER D 136 15.25 -9.97 9.81
CA SER D 136 15.56 -11.39 9.86
C SER D 136 14.28 -12.19 9.83
N ALA D 137 13.24 -11.70 10.48
CA ALA D 137 11.97 -12.41 10.46
C ALA D 137 11.48 -12.52 9.01
N CYS D 138 11.58 -11.43 8.25
CA CYS D 138 11.12 -11.44 6.86
C CYS D 138 12.00 -12.22 5.90
N LYS D 139 13.28 -12.33 6.22
CA LYS D 139 14.23 -13.09 5.40
C LYS D 139 13.80 -14.57 5.43
N ARG D 140 13.45 -15.04 6.63
CA ARG D 140 12.99 -16.39 6.83
C ARG D 140 11.64 -16.59 6.15
N PHE D 141 10.73 -15.63 6.29
CA PHE D 141 9.40 -15.73 5.66
C PHE D 141 9.56 -15.89 4.15
N GLU D 142 10.51 -15.16 3.55
CA GLU D 142 10.78 -15.26 2.11
C GLU D 142 11.25 -16.66 1.75
N GLU D 143 12.18 -17.19 2.54
CA GLU D 143 12.68 -18.53 2.32
C GLU D 143 11.53 -19.53 2.33
N LEU D 144 10.58 -19.33 3.25
CA LEU D 144 9.45 -20.23 3.36
C LEU D 144 8.37 -19.99 2.32
N GLY D 145 8.61 -19.05 1.40
CA GLY D 145 7.64 -18.76 0.37
C GLY D 145 6.36 -18.04 0.79
N VAL D 146 6.45 -17.23 1.84
CA VAL D 146 5.29 -16.48 2.35
C VAL D 146 4.99 -15.32 1.40
N LYS D 147 3.72 -15.01 1.15
CA LYS D 147 3.36 -13.90 0.27
C LYS D 147 3.44 -12.60 1.03
N PHE D 148 4.06 -11.60 0.44
CA PHE D 148 4.20 -10.29 1.07
C PHE D 148 3.28 -9.27 0.44
N VAL D 149 2.71 -8.41 1.28
CA VAL D 149 1.88 -7.31 0.81
C VAL D 149 2.88 -6.13 0.77
N LYS D 150 3.80 -6.10 1.73
CA LYS D 150 4.79 -5.05 1.82
C LYS D 150 6.06 -5.59 2.45
N LYS D 151 7.16 -5.56 1.71
CA LYS D 151 8.42 -6.01 2.27
C LYS D 151 8.89 -4.87 3.16
N PRO D 152 9.75 -5.17 4.16
CA PRO D 152 10.27 -4.17 5.11
C PRO D 152 10.69 -2.81 4.56
N ASP D 153 11.42 -2.81 3.45
CA ASP D 153 11.87 -1.56 2.89
C ASP D 153 11.09 -1.05 1.70
N ASP D 154 9.88 -1.55 1.51
CA ASP D 154 9.08 -1.07 0.40
C ASP D 154 8.23 0.07 0.94
N GLY D 155 8.06 1.11 0.14
CA GLY D 155 7.23 2.22 0.58
C GLY D 155 7.90 3.22 1.49
N LYS D 156 7.11 4.12 2.04
CA LYS D 156 7.61 5.16 2.91
C LYS D 156 8.08 4.63 4.25
N MET D 157 7.31 3.72 4.83
CA MET D 157 7.64 3.17 6.13
C MET D 157 8.58 1.98 6.04
N LYS D 158 9.86 2.22 6.28
CA LYS D 158 10.86 1.15 6.22
C LYS D 158 10.93 0.41 7.55
N GLY D 159 11.19 -0.89 7.52
CA GLY D 159 11.27 -1.65 8.74
C GLY D 159 9.95 -2.16 9.30
N LEU D 160 8.92 -2.13 8.46
CA LEU D 160 7.58 -2.58 8.85
C LEU D 160 7.15 -3.44 7.68
N ALA D 161 6.60 -4.62 7.94
CA ALA D 161 6.18 -5.49 6.85
C ALA D 161 4.75 -5.95 7.00
N PHE D 162 4.19 -6.46 5.92
CA PHE D 162 2.83 -7.01 5.93
C PHE D 162 2.91 -8.27 5.09
N ILE D 163 2.52 -9.40 5.68
CA ILE D 163 2.50 -10.67 4.97
C ILE D 163 1.04 -11.13 4.94
N GLN D 164 0.73 -12.15 4.15
CA GLN D 164 -0.63 -12.68 4.05
C GLN D 164 -0.64 -14.12 4.50
N ASP D 165 -1.73 -14.52 5.14
CA ASP D 165 -1.87 -15.90 5.58
C ASP D 165 -2.52 -16.65 4.41
N PRO D 166 -2.76 -17.98 4.53
CA PRO D 166 -3.36 -18.73 3.43
C PRO D 166 -4.71 -18.20 2.94
N ASP D 167 -5.47 -17.53 3.80
CA ASP D 167 -6.75 -16.99 3.37
C ASP D 167 -6.64 -15.59 2.82
N GLY D 168 -5.46 -14.99 2.89
CA GLY D 168 -5.29 -13.64 2.38
C GLY D 168 -5.39 -12.55 3.46
N TYR D 169 -5.53 -12.96 4.73
CA TYR D 169 -5.59 -11.98 5.82
C TYR D 169 -4.21 -11.35 5.97
N TRP D 170 -4.18 -10.03 6.20
CA TRP D 170 -2.92 -9.34 6.36
C TRP D 170 -2.41 -9.48 7.78
N ILE D 171 -1.10 -9.58 7.91
CA ILE D 171 -0.47 -9.70 9.21
C ILE D 171 0.67 -8.69 9.19
N GLU D 172 0.62 -7.74 10.11
CA GLU D 172 1.65 -6.71 10.22
C GLU D 172 2.79 -7.26 11.04
N ILE D 173 4.01 -7.02 10.56
CA ILE D 173 5.21 -7.49 11.25
C ILE D 173 5.94 -6.21 11.68
N LEU D 174 6.11 -6.05 12.98
CA LEU D 174 6.72 -4.84 13.50
C LEU D 174 7.68 -5.08 14.66
N ASN D 175 8.63 -4.17 14.84
CA ASN D 175 9.57 -4.25 15.94
C ASN D 175 9.25 -3.04 16.80
N PRO D 176 8.68 -3.27 18.00
CA PRO D 176 8.29 -2.22 18.95
C PRO D 176 9.43 -1.26 19.25
N ASN D 177 10.63 -1.80 19.28
CA ASN D 177 11.83 -1.04 19.59
C ASN D 177 12.40 -0.18 18.48
N LYS D 178 11.75 -0.18 17.32
CA LYS D 178 12.22 0.62 16.21
C LYS D 178 11.08 1.38 15.55
N MET D 179 9.93 1.38 16.20
CA MET D 179 8.77 2.06 15.65
C MET D 179 8.89 3.58 15.75
N ALA D 180 9.35 4.05 16.90
CA ALA D 180 9.53 5.48 17.16
C ALA D 180 10.50 6.12 16.15
N THR D 181 11.44 5.30 15.65
CA THR D 181 12.46 5.72 14.68
C THR D 181 11.85 6.12 13.32
N LEU D 182 10.73 5.50 12.96
CA LEU D 182 10.05 5.76 11.69
C LEU D 182 9.00 6.84 11.88
N MET D 183 8.36 6.79 13.05
CA MET D 183 7.29 7.74 13.43
C MET D 183 7.82 9.04 14.02
ZN ZN E . -1.34 11.32 -22.48
N1 GSB F . -11.05 10.50 -16.84
CA1 GSB F . -9.81 10.30 -17.67
C1 GSB F . -8.76 9.69 -16.74
O11 GSB F . -8.84 9.93 -15.52
O12 GSB F . -7.88 8.98 -17.24
CB1 GSB F . -9.34 11.64 -18.23
CG1 GSB F . -8.19 11.58 -19.24
CD1 GSB F . -8.54 10.85 -20.53
OE1 GSB F . -9.63 10.30 -20.66
N2 GSB F . -7.63 10.88 -21.50
CA2 GSB F . -7.85 10.20 -22.77
C2 GSB F . -7.56 8.71 -22.56
O2 GSB F . -6.60 8.35 -21.86
N3 GSB F . -8.38 7.84 -23.12
CA3 GSB F . -8.18 6.41 -22.95
C3 GSB F . -9.04 5.60 -23.90
O31 GSB F . -9.44 6.17 -24.95
O32 GSB F . -9.30 4.41 -23.62
CB2 GSB F . -6.91 10.78 -23.82
SG2 GSB F . -6.75 12.58 -23.70
C' GSB F . -6.66 13.00 -25.46
C1' GSB F . -5.47 13.88 -25.78
C2' GSB F . -4.18 13.38 -25.73
C3' GSB F . -3.07 14.19 -26.00
C4' GSB F . -3.26 15.52 -26.33
C5' GSB F . -4.54 16.03 -26.37
C6' GSB F . -5.65 15.21 -26.10
ZN ZN G . 14.50 6.23 -10.15
N1 GSB H . 12.00 -3.04 -4.29
CA1 GSB H . 12.19 -1.67 -4.82
C1 GSB H . 10.89 -1.26 -5.52
O11 GSB H . 10.16 -2.15 -5.97
O12 GSB H . 10.60 -0.05 -5.57
CB1 GSB H . 13.36 -1.65 -5.80
CG1 GSB H . 13.81 -0.27 -6.30
CD1 GSB H . 14.37 0.63 -5.20
OE1 GSB H . 14.35 0.27 -4.03
N2 GSB H . 14.90 1.79 -5.58
CA2 GSB H . 15.45 2.73 -4.62
C2 GSB H . 14.26 3.50 -4.00
O2 GSB H . 13.30 3.85 -4.69
N3 GSB H . 14.30 3.71 -2.69
CA3 GSB H . 13.20 4.41 -2.03
C3 GSB H . 13.59 4.81 -0.61
O31 GSB H . 14.81 4.92 -0.33
O32 GSB H . 12.67 5.03 0.22
CB2 GSB H . 16.37 3.70 -5.33
SG2 GSB H . 17.40 2.88 -6.58
C' GSB H . 18.95 3.83 -6.36
C1' GSB H . 19.49 4.36 -7.67
C2' GSB H . 18.84 5.40 -8.32
C3' GSB H . 19.31 5.89 -9.55
C4' GSB H . 20.44 5.34 -10.12
C5' GSB H . 21.10 4.31 -9.46
C6' GSB H . 20.62 3.82 -8.24
ZN ZN I . -15.22 -16.32 19.34
N1 GSB J . -21.00 -20.58 10.68
CA1 GSB J . -20.47 -19.80 11.82
C1 GSB J . -19.66 -18.65 11.24
O11 GSB J . -19.16 -18.79 10.11
O12 GSB J . -19.57 -17.61 11.91
CB1 GSB J . -19.59 -20.70 12.71
CG1 GSB J . -19.11 -20.08 14.02
CD1 GSB J . -20.24 -19.78 15.01
OE1 GSB J . -21.41 -19.93 14.68
N2 GSB J . -19.88 -19.37 16.21
CA2 GSB J . -20.88 -19.03 17.23
C2 GSB J . -21.38 -17.61 16.91
O2 GSB J . -20.60 -16.73 16.54
N3 GSB J . -22.69 -17.39 17.04
CA3 GSB J . -23.24 -16.08 16.74
C3 GSB J . -24.68 -15.96 17.22
O31 GSB J . -25.06 -16.72 18.14
O32 GSB J . -25.42 -15.09 16.71
CB2 GSB J . -20.22 -19.06 18.61
SG2 GSB J . -19.09 -20.46 18.80
C' GSB J . -19.42 -20.89 20.54
C1' GSB J . -18.16 -20.99 21.35
C2' GSB J . -17.44 -19.85 21.68
C3' GSB J . -16.25 -19.93 22.42
C4' GSB J . -15.79 -21.16 22.84
C5' GSB J . -16.52 -22.30 22.54
C6' GSB J . -17.70 -22.21 21.80
ZN ZN K . -1.48 -2.40 12.55
N1 GSB L . -6.27 4.35 4.94
CA1 GSB L . -5.57 3.28 5.69
C1 GSB L . -6.59 2.17 5.95
O11 GSB L . -7.80 2.47 6.00
O12 GSB L . -6.18 1.01 6.07
CB1 GSB L . -5.03 3.84 7.00
CG1 GSB L . -4.13 2.90 7.81
CD1 GSB L . -2.82 2.54 7.11
OE1 GSB L . -2.60 2.93 5.97
N2 GSB L . -1.93 1.85 7.82
CA2 GSB L . -0.65 1.44 7.24
C2 GSB L . -0.92 0.21 6.36
O2 GSB L . -1.70 -0.68 6.74
N3 GSB L . -0.30 0.14 5.19
CA3 GSB L . -0.51 -0.98 4.31
C3 GSB L . 0.51 -1.00 3.18
O31 GSB L . 1.60 -0.40 3.34
O32 GSB L . 0.24 -1.63 2.13
CB2 GSB L . 0.32 1.10 8.35
SG2 GSB L . 0.22 2.26 9.76
C' GSB L . 1.98 2.35 10.22
C1' GSB L . 2.20 2.09 11.67
C2' GSB L . 2.03 0.83 12.21
C3' GSB L . 2.21 0.59 13.59
C4' GSB L . 2.57 1.63 14.42
C5' GSB L . 2.75 2.90 13.89
C6' GSB L . 2.56 3.13 12.53
#